data_2HUI
#
_entry.id   2HUI
#
_cell.length_a   137.082
_cell.length_b   137.082
_cell.length_c   120.425
_cell.angle_alpha   90.000
_cell.angle_beta   90.000
_cell.angle_gamma   120.000
#
_symmetry.space_group_name_H-M   'H 3'
#
loop_
_entity.id
_entity.type
_entity.pdbx_description
1 polymer 'Alanine glyoxylate aminotransferase'
2 non-polymer 'GLYOXYLIC ACID'
3 water water
#
_entity_poly.entity_id   1
_entity_poly.type   'polypeptide(L)'
_entity_poly.pdbx_seq_one_letter_code
;MEYKVTPPAVLREPLVTPNKLLMGPGPSNAPQRVLDAMSRPILGHLHPETLKIMDDIKEGVRYLFQTNNIATFCLSASGH
GGMEATLCNLLEDGDVILIGHTGHWGDRSADMATRYGADVRVVKSKVGQSLSLDEIRDALLIHKPSVLFLTQGDSSTGVL
QGLEGVGALCHQHNCLLIVDTVASLGGAPMFMDRWEIDAMYTGSQ(LLP)VLGAPPGITPVSFSHRAVERYKRRNTKVKV
YYWDMSLVGDYWGCFGRPRIYHHTISSTLLYGLREAIAMACEEGLPALIARHEDCAKRLYRGLQDAGFELYADPKDRLST
VTTIKVPQGVDWLKAAQYAMKTYLVEISGGLGPTAGQVFRIGLMGQNATTERVDRVLQVFQEAVAAVKPDVQVKGKM
;
_entity_poly.pdbx_strand_id   A,B
#
# COMPACT_ATOMS: atom_id res chain seq x y z
N MET A 1 -27.77 17.63 -8.73
CA MET A 1 -29.10 16.95 -8.75
C MET A 1 -29.22 15.95 -9.91
N GLU A 2 -28.33 16.08 -10.89
CA GLU A 2 -28.30 15.18 -12.06
C GLU A 2 -27.13 14.21 -11.93
N TYR A 3 -27.46 12.93 -11.81
CA TYR A 3 -26.43 11.89 -11.68
C TYR A 3 -26.42 11.05 -12.94
N LYS A 4 -25.57 11.42 -13.89
CA LYS A 4 -25.44 10.72 -15.18
C LYS A 4 -25.00 9.24 -15.04
N VAL A 5 -24.22 8.96 -13.98
CA VAL A 5 -23.75 7.61 -13.66
C VAL A 5 -24.64 7.07 -12.54
N THR A 6 -25.12 5.84 -12.71
CA THR A 6 -26.16 5.29 -11.83
C THR A 6 -25.57 4.18 -10.92
N PRO A 7 -26.20 3.91 -9.75
CA PRO A 7 -25.69 2.83 -8.87
C PRO A 7 -25.52 1.52 -9.64
N PRO A 8 -24.29 0.97 -9.65
CA PRO A 8 -24.06 -0.20 -10.51
C PRO A 8 -24.82 -1.44 -10.02
N ALA A 9 -25.55 -2.07 -10.95
CA ALA A 9 -26.26 -3.31 -10.66
C ALA A 9 -25.35 -4.43 -10.12
N VAL A 10 -24.12 -4.47 -10.62
CA VAL A 10 -23.17 -5.47 -10.20
C VAL A 10 -22.94 -5.51 -8.69
N LEU A 11 -22.98 -4.36 -8.04
CA LEU A 11 -22.68 -4.31 -6.61
C LEU A 11 -23.87 -4.80 -5.74
N ARG A 12 -25.01 -5.02 -6.38
CA ARG A 12 -26.19 -5.61 -5.71
C ARG A 12 -26.06 -7.11 -5.57
N GLU A 13 -25.13 -7.70 -6.34
CA GLU A 13 -24.85 -9.13 -6.26
C GLU A 13 -23.94 -9.40 -5.08
N PRO A 14 -23.99 -10.65 -4.55
CA PRO A 14 -23.10 -11.10 -3.51
C PRO A 14 -21.64 -11.03 -3.96
N LEU A 15 -20.76 -10.60 -3.06
CA LEU A 15 -19.32 -10.77 -3.19
C LEU A 15 -19.04 -12.27 -3.23
N VAL A 16 -18.27 -12.73 -4.21
CA VAL A 16 -17.94 -14.17 -4.24
C VAL A 16 -16.43 -14.42 -4.24
N THR A 17 -16.00 -15.24 -3.28
CA THR A 17 -14.61 -15.53 -3.03
C THR A 17 -14.40 -17.04 -2.76
N PRO A 18 -14.28 -17.82 -3.84
CA PRO A 18 -14.03 -19.27 -3.70
C PRO A 18 -12.76 -19.55 -2.88
N ASN A 19 -12.79 -20.59 -2.01
CA ASN A 19 -11.60 -20.99 -1.26
C ASN A 19 -10.83 -21.99 -2.08
N LYS A 20 -9.67 -21.56 -2.53
CA LYS A 20 -8.83 -22.36 -3.42
C LYS A 20 -7.58 -22.76 -2.68
N LEU A 21 -6.89 -23.79 -3.17
CA LEU A 21 -5.57 -24.18 -2.70
C LEU A 21 -4.57 -23.48 -3.61
N LEU A 22 -3.95 -22.43 -3.07
CA LEU A 22 -3.04 -21.59 -3.83
C LEU A 22 -1.64 -22.16 -3.81
N MET A 23 -1.39 -23.09 -4.74
CA MET A 23 -0.08 -23.74 -4.88
C MET A 23 0.77 -23.12 -6.01
N GLY A 24 0.44 -21.89 -6.41
CA GLY A 24 1.35 -21.09 -7.25
C GLY A 24 2.42 -20.41 -6.39
N PRO A 25 3.16 -19.42 -6.94
CA PRO A 25 4.26 -18.80 -6.17
C PRO A 25 3.82 -17.66 -5.23
N GLY A 26 2.52 -17.57 -4.99
CA GLY A 26 2.00 -16.59 -4.02
C GLY A 26 0.86 -15.78 -4.61
N PRO A 27 -0.07 -15.34 -3.77
CA PRO A 27 -0.10 -15.53 -2.31
C PRO A 27 -0.38 -16.96 -1.87
N SER A 28 0.02 -17.31 -0.66
CA SER A 28 -0.27 -18.63 -0.11
C SER A 28 -1.52 -18.58 0.79
N ASN A 29 -2.09 -19.74 1.07
CA ASN A 29 -3.32 -19.80 1.87
C ASN A 29 -3.13 -19.22 3.27
N ALA A 30 -4.00 -18.30 3.69
CA ALA A 30 -3.87 -17.68 5.01
C ALA A 30 -4.26 -18.66 6.12
N PRO A 31 -3.47 -18.70 7.22
CA PRO A 31 -4.02 -19.39 8.40
C PRO A 31 -5.39 -18.85 8.81
N GLN A 32 -6.24 -19.72 9.36
CA GLN A 32 -7.52 -19.26 9.88
C GLN A 32 -7.32 -18.16 10.93
N ARG A 33 -6.27 -18.28 11.71
CA ARG A 33 -5.97 -17.29 12.75
C ARG A 33 -5.74 -15.92 12.13
N VAL A 34 -5.06 -15.86 10.98
CA VAL A 34 -4.89 -14.56 10.30
C VAL A 34 -6.16 -14.01 9.69
N LEU A 35 -6.95 -14.83 8.99
CA LEU A 35 -8.25 -14.39 8.50
C LEU A 35 -9.17 -13.90 9.63
N ASP A 36 -9.23 -14.64 10.73
CA ASP A 36 -10.07 -14.23 11.87
C ASP A 36 -9.65 -12.84 12.39
N ALA A 37 -8.36 -12.63 12.50
CA ALA A 37 -7.83 -11.36 13.04
C ALA A 37 -8.22 -10.16 12.18
N MET A 38 -8.52 -10.40 10.90
CA MET A 38 -8.78 -9.31 9.97
C MET A 38 -10.22 -8.83 10.00
N SER A 39 -11.04 -9.48 10.84
CA SER A 39 -12.36 -8.93 11.19
C SER A 39 -12.34 -8.06 12.46
N ARG A 40 -11.16 -7.86 13.06
CA ARG A 40 -11.09 -6.98 14.25
C ARG A 40 -11.41 -5.51 13.87
N PRO A 41 -11.91 -4.73 14.85
CA PRO A 41 -12.28 -3.35 14.51
C PRO A 41 -11.03 -2.53 14.15
N ILE A 42 -11.26 -1.53 13.31
CA ILE A 42 -10.24 -0.60 12.88
C ILE A 42 -9.81 0.25 14.08
N LEU A 43 -8.52 0.51 14.15
CA LEU A 43 -7.94 1.41 15.14
C LEU A 43 -7.35 2.67 14.49
N GLY A 44 -7.21 3.73 15.29
CA GLY A 44 -6.56 4.94 14.82
C GLY A 44 -5.10 4.65 14.54
N HIS A 45 -4.56 5.31 13.53
CA HIS A 45 -3.18 5.04 13.07
C HIS A 45 -2.10 5.46 14.04
N LEU A 46 -2.44 6.35 14.99
CA LEU A 46 -1.50 6.77 16.02
C LEU A 46 -1.93 6.39 17.45
N HIS A 47 -2.95 5.55 17.56
CA HIS A 47 -3.43 5.11 18.87
C HIS A 47 -2.38 4.20 19.49
N PRO A 48 -2.25 4.24 20.83
CA PRO A 48 -1.22 3.43 21.49
C PRO A 48 -1.33 1.94 21.15
N GLU A 49 -2.55 1.43 21.01
CA GLU A 49 -2.74 0.02 20.71
C GLU A 49 -2.19 -0.33 19.31
N THR A 50 -2.29 0.63 18.39
CA THR A 50 -1.73 0.48 17.05
C THR A 50 -0.22 0.52 17.10
N LEU A 51 0.34 1.48 17.83
CA LEU A 51 1.79 1.55 17.94
C LEU A 51 2.36 0.31 18.63
N LYS A 52 1.60 -0.26 19.55
CA LYS A 52 2.00 -1.49 20.23
C LYS A 52 2.09 -2.65 19.22
N ILE A 53 1.05 -2.78 18.41
CA ILE A 53 1.07 -3.80 17.35
C ILE A 53 2.31 -3.60 16.43
N MET A 54 2.56 -2.37 16.02
CA MET A 54 3.71 -2.05 15.16
C MET A 54 5.04 -2.41 15.87
N ASP A 55 5.16 -2.02 17.13
CA ASP A 55 6.32 -2.39 17.93
C ASP A 55 6.55 -3.92 17.97
N ASP A 56 5.48 -4.68 18.14
CA ASP A 56 5.56 -6.14 18.28
C ASP A 56 5.98 -6.75 16.92
N ILE A 57 5.38 -6.23 15.87
CA ILE A 57 5.80 -6.59 14.50
C ILE A 57 7.31 -6.37 14.28
N LYS A 58 7.85 -5.20 14.69
CA LYS A 58 9.27 -4.92 14.56
C LYS A 58 10.11 -5.98 15.26
N GLU A 59 9.71 -6.39 16.47
CA GLU A 59 10.46 -7.45 17.14
C GLU A 59 10.44 -8.75 16.31
N GLY A 60 9.27 -9.07 15.78
CA GLY A 60 9.11 -10.29 14.97
C GLY A 60 9.93 -10.26 13.69
N VAL A 61 9.91 -9.12 12.98
CA VAL A 61 10.75 -9.05 11.80
C VAL A 61 12.25 -9.10 12.11
N ARG A 62 12.68 -8.47 13.21
CA ARG A 62 14.08 -8.57 13.63
C ARG A 62 14.48 -10.03 13.84
N TYR A 63 13.58 -10.80 14.45
CA TYR A 63 13.80 -12.25 14.59
C TYR A 63 13.91 -12.96 13.23
N LEU A 64 12.90 -12.80 12.39
CA LEU A 64 12.83 -13.49 11.10
C LEU A 64 14.01 -13.13 10.19
N PHE A 65 14.38 -11.85 10.18
CA PHE A 65 15.54 -11.39 9.42
C PHE A 65 16.89 -11.75 10.06
N GLN A 66 16.86 -11.97 11.38
CA GLN A 66 18.08 -12.05 12.21
C GLN A 66 18.90 -10.77 12.12
N THR A 67 18.27 -9.68 12.54
CA THR A 67 18.92 -8.37 12.63
C THR A 67 18.56 -7.68 13.93
N ASN A 68 19.49 -6.85 14.42
CA ASN A 68 19.23 -5.88 15.48
C ASN A 68 19.07 -4.44 14.96
N ASN A 69 18.94 -4.27 13.64
CA ASN A 69 18.85 -2.93 13.05
C ASN A 69 17.74 -2.10 13.69
N ILE A 70 18.08 -0.90 14.13
CA ILE A 70 17.04 0.00 14.64
C ILE A 70 16.07 0.42 13.53
N ALA A 71 16.59 0.60 12.31
CA ALA A 71 15.77 1.02 11.16
C ALA A 71 15.06 -0.20 10.55
N THR A 72 14.16 -0.78 11.34
CA THR A 72 13.36 -1.92 10.92
C THR A 72 11.89 -1.56 11.06
N PHE A 73 11.10 -1.74 10.01
CA PHE A 73 9.70 -1.34 10.00
C PHE A 73 8.97 -2.05 8.87
N CYS A 74 7.73 -1.65 8.61
CA CYS A 74 7.01 -2.16 7.43
C CYS A 74 6.55 -1.02 6.56
N LEU A 75 6.53 -1.26 5.26
CA LEU A 75 6.05 -0.32 4.26
C LEU A 75 4.60 -0.63 3.94
N SER A 76 3.80 0.42 3.81
CA SER A 76 2.38 0.25 3.46
C SER A 76 2.21 0.10 1.95
N ALA A 77 2.69 -1.03 1.44
CA ALA A 77 2.70 -1.34 0.00
C ALA A 77 2.99 -2.82 -0.13
N SER A 78 2.72 -3.36 -1.32
CA SER A 78 3.01 -4.74 -1.63
C SER A 78 4.52 -4.94 -1.77
N GLY A 79 4.95 -6.18 -2.03
CA GLY A 79 6.38 -6.50 -2.11
C GLY A 79 7.20 -5.57 -3.02
N HIS A 80 6.62 -5.17 -4.16
CA HIS A 80 7.28 -4.22 -5.06
C HIS A 80 7.68 -2.93 -4.33
N GLY A 81 6.85 -2.49 -3.37
CA GLY A 81 7.17 -1.33 -2.52
C GLY A 81 8.46 -1.45 -1.73
N GLY A 82 8.81 -2.66 -1.31
CA GLY A 82 10.10 -2.94 -0.71
C GLY A 82 11.24 -2.63 -1.66
N MET A 83 11.13 -3.12 -2.90
CA MET A 83 12.15 -2.83 -3.89
C MET A 83 12.20 -1.33 -4.18
N GLU A 84 11.03 -0.72 -4.36
CA GLU A 84 10.91 0.74 -4.62
C GLU A 84 11.65 1.53 -3.54
N ALA A 85 11.38 1.20 -2.28
CA ALA A 85 11.78 2.05 -1.16
C ALA A 85 13.26 1.90 -0.89
N THR A 86 13.74 0.69 -1.03
CA THR A 86 15.11 0.39 -0.78
C THR A 86 15.99 1.10 -1.86
N LEU A 87 15.57 1.02 -3.13
CA LEU A 87 16.20 1.77 -4.23
C LEU A 87 16.05 3.31 -4.10
N CYS A 88 14.86 3.76 -3.75
CA CYS A 88 14.53 5.18 -3.69
C CYS A 88 15.41 5.89 -2.64
N ASN A 89 15.56 5.26 -1.49
CA ASN A 89 16.29 5.88 -0.38
C ASN A 89 17.79 5.83 -0.55
N LEU A 90 18.27 4.78 -1.22
CA LEU A 90 19.71 4.53 -1.27
C LEU A 90 20.39 4.97 -2.57
N LEU A 91 19.60 5.50 -3.50
CA LEU A 91 20.12 5.99 -4.79
C LEU A 91 19.82 7.48 -5.02
N GLU A 92 20.85 8.20 -5.49
CA GLU A 92 20.68 9.54 -6.03
C GLU A 92 21.07 9.55 -7.51
N ASP A 93 20.67 10.59 -8.24
CA ASP A 93 20.95 10.70 -9.69
C ASP A 93 22.40 10.35 -10.02
N GLY A 94 22.61 9.41 -10.95
CA GLY A 94 23.96 9.09 -11.41
C GLY A 94 24.72 8.06 -10.58
N ASP A 95 24.19 7.70 -9.41
CA ASP A 95 24.81 6.60 -8.63
C ASP A 95 24.89 5.30 -9.44
N VAL A 96 26.00 4.58 -9.34
CA VAL A 96 26.17 3.34 -10.08
C VAL A 96 25.62 2.24 -9.22
N ILE A 97 24.61 1.52 -9.72
CA ILE A 97 24.09 0.29 -9.07
C ILE A 97 24.35 -0.89 -9.97
N LEU A 98 24.81 -1.97 -9.36
CA LEU A 98 24.98 -3.22 -10.06
C LEU A 98 23.81 -4.13 -9.65
N ILE A 99 23.10 -4.64 -10.65
CA ILE A 99 22.06 -5.66 -10.45
C ILE A 99 22.61 -7.07 -10.75
N GLY A 100 22.61 -7.92 -9.72
CA GLY A 100 22.85 -9.36 -9.89
C GLY A 100 21.57 -10.04 -10.39
N HIS A 101 21.55 -10.39 -11.67
CA HIS A 101 20.34 -10.87 -12.35
C HIS A 101 20.29 -12.41 -12.35
N THR A 102 19.34 -12.97 -11.61
CA THR A 102 19.16 -14.42 -11.54
C THR A 102 17.75 -14.79 -12.02
N GLY A 103 17.13 -13.86 -12.77
CA GLY A 103 15.74 -13.98 -13.17
C GLY A 103 14.99 -12.66 -13.26
N HIS A 104 13.67 -12.74 -13.39
CA HIS A 104 12.82 -11.56 -13.56
C HIS A 104 13.15 -10.40 -12.61
N TRP A 105 13.40 -10.71 -11.34
CA TRP A 105 13.54 -9.64 -10.35
C TRP A 105 14.76 -8.74 -10.63
N GLY A 106 15.71 -9.25 -11.41
CA GLY A 106 16.82 -8.44 -11.89
C GLY A 106 16.33 -7.39 -12.92
N ASP A 107 15.41 -7.80 -13.79
CA ASP A 107 14.83 -6.85 -14.75
C ASP A 107 14.01 -5.79 -14.03
N ARG A 108 13.24 -6.23 -13.04
CA ARG A 108 12.34 -5.27 -12.38
C ARG A 108 13.15 -4.26 -11.55
N SER A 109 14.14 -4.73 -10.79
CA SER A 109 15.04 -3.82 -10.06
C SER A 109 15.81 -2.86 -10.98
N ALA A 110 16.34 -3.36 -12.11
CA ALA A 110 17.02 -2.49 -13.09
C ALA A 110 16.08 -1.38 -13.55
N ASP A 111 14.82 -1.76 -13.79
CA ASP A 111 13.77 -0.85 -14.21
C ASP A 111 13.55 0.28 -13.20
N MET A 112 13.25 -0.09 -11.97
CA MET A 112 13.03 0.91 -10.92
C MET A 112 14.25 1.83 -10.71
N ALA A 113 15.44 1.22 -10.64
CA ALA A 113 16.69 1.95 -10.50
C ALA A 113 16.87 2.96 -11.65
N THR A 114 16.59 2.56 -12.89
CA THR A 114 16.70 3.57 -13.96
C THR A 114 15.65 4.67 -13.83
N ARG A 115 14.43 4.30 -13.45
CA ARG A 115 13.35 5.30 -13.21
C ARG A 115 13.77 6.35 -12.17
N TYR A 116 14.49 5.90 -11.15
CA TYR A 116 14.99 6.73 -10.06
C TYR A 116 16.27 7.52 -10.40
N GLY A 117 16.74 7.39 -11.63
CA GLY A 117 17.87 8.20 -12.14
C GLY A 117 19.26 7.60 -11.94
N ALA A 118 19.31 6.33 -11.56
CA ALA A 118 20.61 5.69 -11.36
C ALA A 118 21.27 5.29 -12.68
N ASP A 119 22.56 5.01 -12.59
CA ASP A 119 23.39 4.51 -13.68
C ASP A 119 23.44 2.99 -13.46
N VAL A 120 22.61 2.29 -14.23
CA VAL A 120 22.31 0.88 -13.94
C VAL A 120 23.21 -0.07 -14.74
N ARG A 121 23.85 -0.98 -14.02
CA ARG A 121 24.69 -2.01 -14.60
C ARG A 121 24.11 -3.38 -14.24
N VAL A 122 24.27 -4.36 -15.13
CA VAL A 122 23.73 -5.71 -14.85
C VAL A 122 24.77 -6.80 -15.04
N VAL A 123 24.84 -7.71 -14.08
CA VAL A 123 25.55 -8.99 -14.27
C VAL A 123 24.56 -10.14 -14.20
N LYS A 124 24.58 -10.98 -15.23
CA LYS A 124 23.59 -12.00 -15.46
C LYS A 124 24.11 -13.40 -15.12
N SER A 125 23.28 -14.12 -14.37
CA SER A 125 23.45 -15.52 -14.08
C SER A 125 23.54 -16.36 -15.35
N LYS A 126 24.20 -17.51 -15.25
CA LYS A 126 24.01 -18.59 -16.20
C LYS A 126 22.57 -19.09 -16.09
N VAL A 127 22.03 -19.63 -17.17
CA VAL A 127 20.63 -20.10 -17.14
C VAL A 127 20.37 -21.14 -16.05
N GLY A 128 19.31 -20.89 -15.29
CA GLY A 128 18.90 -21.74 -14.18
C GLY A 128 19.90 -21.85 -13.02
N GLN A 129 20.87 -20.91 -12.96
CA GLN A 129 21.88 -20.93 -11.92
C GLN A 129 21.89 -19.65 -11.11
N SER A 130 22.49 -19.71 -9.94
CA SER A 130 22.81 -18.50 -9.17
C SER A 130 24.11 -17.87 -9.69
N LEU A 131 24.38 -16.63 -9.28
CA LEU A 131 25.68 -16.03 -9.50
C LEU A 131 26.71 -16.63 -8.53
N SER A 132 27.90 -16.95 -9.04
CA SER A 132 29.02 -17.35 -8.15
C SER A 132 29.65 -16.11 -7.54
N LEU A 133 30.44 -16.32 -6.48
CA LEU A 133 31.15 -15.19 -5.85
C LEU A 133 32.13 -14.54 -6.83
N ASP A 134 32.86 -15.38 -7.59
CA ASP A 134 33.76 -14.86 -8.61
C ASP A 134 33.03 -13.97 -9.62
N GLU A 135 31.84 -14.40 -10.07
CA GLU A 135 31.04 -13.61 -11.03
C GLU A 135 30.65 -12.27 -10.43
N ILE A 136 30.24 -12.27 -9.16
CA ILE A 136 29.94 -11.03 -8.46
C ILE A 136 31.20 -10.15 -8.31
N ARG A 137 32.28 -10.74 -7.79
CA ARG A 137 33.54 -10.02 -7.60
C ARG A 137 34.01 -9.37 -8.90
N ASP A 138 33.95 -10.12 -10.01
CA ASP A 138 34.42 -9.62 -11.31
C ASP A 138 33.63 -8.42 -11.77
N ALA A 139 32.31 -8.49 -11.58
CA ALA A 139 31.39 -7.40 -11.95
C ALA A 139 31.59 -6.16 -11.08
N LEU A 140 31.76 -6.39 -9.77
CA LEU A 140 32.08 -5.30 -8.85
C LEU A 140 33.31 -4.54 -9.34
N LEU A 141 34.31 -5.29 -9.80
CA LEU A 141 35.58 -4.72 -10.25
C LEU A 141 35.41 -3.89 -11.53
N ILE A 142 34.60 -4.40 -12.45
CA ILE A 142 34.31 -3.71 -13.71
C ILE A 142 33.55 -2.39 -13.47
N HIS A 143 32.48 -2.46 -12.68
CA HIS A 143 31.52 -1.34 -12.58
C HIS A 143 31.74 -0.39 -11.42
N LYS A 144 32.42 -0.86 -10.37
CA LYS A 144 32.66 -0.09 -9.14
C LYS A 144 31.40 0.61 -8.64
N PRO A 145 30.34 -0.18 -8.37
CA PRO A 145 29.07 0.42 -7.98
C PRO A 145 29.09 0.83 -6.51
N SER A 146 28.15 1.72 -6.14
CA SER A 146 27.89 2.12 -4.76
C SER A 146 26.80 1.25 -4.13
N VAL A 147 26.00 0.59 -4.97
CA VAL A 147 25.08 -0.44 -4.50
C VAL A 147 25.03 -1.68 -5.38
N LEU A 148 24.96 -2.84 -4.73
CA LEU A 148 24.70 -4.14 -5.37
C LEU A 148 23.31 -4.62 -4.92
N PHE A 149 22.53 -5.10 -5.88
CA PHE A 149 21.18 -5.58 -5.59
C PHE A 149 21.09 -7.03 -5.99
N LEU A 150 20.75 -7.90 -5.03
CA LEU A 150 20.52 -9.32 -5.31
C LEU A 150 19.16 -9.76 -4.84
N THR A 151 18.63 -10.82 -5.49
CA THR A 151 17.37 -11.42 -5.09
C THR A 151 17.72 -12.81 -4.50
N GLN A 152 17.48 -12.97 -3.21
CA GLN A 152 17.82 -14.25 -2.58
C GLN A 152 17.02 -15.41 -3.17
N GLY A 153 15.70 -15.28 -3.27
CA GLY A 153 14.90 -16.30 -3.95
C GLY A 153 14.21 -15.69 -5.13
N ASP A 154 14.69 -16.01 -6.33
CA ASP A 154 14.03 -15.47 -7.51
C ASP A 154 12.92 -16.44 -7.89
N SER A 155 11.70 -15.99 -7.66
CA SER A 155 10.48 -16.79 -7.88
C SER A 155 10.17 -17.04 -9.36
N SER A 156 10.83 -16.32 -10.27
CA SER A 156 10.60 -16.57 -11.70
C SER A 156 11.34 -17.80 -12.17
N THR A 157 12.55 -18.00 -11.64
CA THR A 157 13.42 -19.10 -12.07
C THR A 157 13.51 -20.23 -11.05
N GLY A 158 13.03 -19.99 -9.83
CA GLY A 158 13.12 -20.98 -8.74
C GLY A 158 14.56 -21.15 -8.25
N VAL A 159 15.31 -20.06 -8.24
CA VAL A 159 16.73 -20.09 -7.95
C VAL A 159 17.02 -19.39 -6.61
N LEU A 160 17.76 -20.09 -5.76
CA LEU A 160 18.29 -19.55 -4.53
C LEU A 160 19.70 -19.03 -4.74
N GLN A 161 19.88 -17.74 -4.47
CA GLN A 161 21.18 -17.07 -4.59
C GLN A 161 21.98 -17.13 -3.27
N GLY A 162 23.17 -17.73 -3.31
CA GLY A 162 24.06 -17.76 -2.14
C GLY A 162 24.59 -16.38 -1.76
N LEU A 163 24.63 -16.10 -0.46
CA LEU A 163 24.98 -14.75 0.01
C LEU A 163 26.22 -14.67 0.93
N GLU A 164 26.76 -15.81 1.32
CA GLU A 164 27.87 -15.79 2.26
C GLU A 164 29.07 -15.09 1.64
N GLY A 165 29.58 -14.09 2.35
CA GLY A 165 30.75 -13.37 1.93
C GLY A 165 30.49 -12.21 0.98
N VAL A 166 29.27 -12.07 0.46
CA VAL A 166 29.09 -10.98 -0.53
C VAL A 166 28.96 -9.59 0.05
N GLY A 167 28.21 -9.46 1.15
CA GLY A 167 28.19 -8.17 1.87
C GLY A 167 29.59 -7.71 2.26
N ALA A 168 30.39 -8.62 2.79
CA ALA A 168 31.79 -8.35 3.16
C ALA A 168 32.57 -7.85 1.93
N LEU A 169 32.41 -8.54 0.79
CA LEU A 169 33.07 -8.14 -0.45
C LEU A 169 32.65 -6.74 -0.88
N CYS A 170 31.33 -6.50 -0.87
CA CYS A 170 30.78 -5.20 -1.19
C CYS A 170 31.42 -4.12 -0.31
N HIS A 171 31.47 -4.37 1.00
CA HIS A 171 32.00 -3.39 1.94
C HIS A 171 33.50 -3.11 1.75
N GLN A 172 34.23 -4.10 1.23
CA GLN A 172 35.65 -3.90 0.86
C GLN A 172 35.78 -2.96 -0.32
N HIS A 173 34.67 -2.76 -1.04
CA HIS A 173 34.69 -1.93 -2.24
C HIS A 173 33.74 -0.74 -2.14
N ASN A 174 33.46 -0.30 -0.91
CA ASN A 174 32.61 0.87 -0.66
C ASN A 174 31.25 0.77 -1.33
N CYS A 175 30.67 -0.42 -1.24
CA CYS A 175 29.36 -0.73 -1.85
C CYS A 175 28.36 -1.29 -0.80
N LEU A 176 27.11 -0.86 -0.90
CA LEU A 176 26.00 -1.35 -0.05
C LEU A 176 25.36 -2.56 -0.71
N LEU A 177 24.86 -3.50 0.08
CA LEU A 177 24.19 -4.68 -0.46
C LEU A 177 22.71 -4.66 -0.10
N ILE A 178 21.85 -4.69 -1.12
CA ILE A 178 20.39 -4.77 -0.96
C ILE A 178 19.96 -6.18 -1.36
N VAL A 179 19.12 -6.80 -0.53
CA VAL A 179 18.65 -8.16 -0.83
C VAL A 179 17.14 -8.31 -0.75
N ASP A 180 16.54 -8.82 -1.83
CA ASP A 180 15.12 -9.11 -1.85
C ASP A 180 14.94 -10.53 -1.24
N THR A 181 14.13 -10.67 -0.19
CA THR A 181 13.86 -12.01 0.39
C THR A 181 12.37 -12.35 0.37
N VAL A 182 11.63 -11.70 -0.53
CA VAL A 182 10.18 -11.91 -0.59
C VAL A 182 9.79 -13.38 -0.70
N ALA A 183 10.45 -14.11 -1.62
CA ALA A 183 10.11 -15.50 -1.86
C ALA A 183 10.90 -16.47 -0.98
N SER A 184 12.03 -16.01 -0.44
CA SER A 184 12.96 -16.92 0.23
C SER A 184 12.81 -16.93 1.77
N LEU A 185 12.47 -15.80 2.37
CA LEU A 185 12.49 -15.76 3.83
C LEU A 185 11.56 -16.81 4.42
N GLY A 186 12.06 -17.55 5.40
CA GLY A 186 11.32 -18.65 6.01
C GLY A 186 11.47 -19.98 5.29
N GLY A 187 11.99 -19.93 4.06
CA GLY A 187 12.21 -21.11 3.23
C GLY A 187 13.66 -21.44 2.96
N ALA A 188 14.56 -20.60 3.47
CA ALA A 188 16.01 -20.70 3.25
C ALA A 188 16.68 -19.93 4.38
N PRO A 189 17.91 -20.33 4.76
CA PRO A 189 18.64 -19.59 5.78
C PRO A 189 18.83 -18.12 5.38
N MET A 190 18.63 -17.24 6.36
CA MET A 190 18.93 -15.82 6.19
C MET A 190 19.41 -15.24 7.53
N PHE A 191 20.57 -14.58 7.49
CA PHE A 191 21.10 -13.95 8.71
C PHE A 191 21.56 -12.58 8.24
N MET A 192 20.70 -11.57 8.39
CA MET A 192 20.97 -10.28 7.76
C MET A 192 22.26 -9.63 8.25
N ASP A 193 22.42 -9.56 9.56
CA ASP A 193 23.61 -8.92 10.16
C ASP A 193 24.86 -9.75 9.95
N ARG A 194 24.76 -11.05 10.18
CA ARG A 194 25.92 -11.93 10.05
C ARG A 194 26.48 -11.90 8.61
N TRP A 195 25.58 -11.78 7.65
CA TRP A 195 25.98 -11.71 6.25
C TRP A 195 26.22 -10.29 5.72
N GLU A 196 26.21 -9.30 6.62
CA GLU A 196 26.54 -7.91 6.27
C GLU A 196 25.68 -7.37 5.11
N ILE A 197 24.37 -7.64 5.20
CA ILE A 197 23.37 -7.10 4.28
C ILE A 197 22.91 -5.74 4.79
N ASP A 198 22.83 -4.75 3.91
CA ASP A 198 22.51 -3.34 4.30
C ASP A 198 21.04 -2.96 4.16
N ALA A 199 20.35 -3.61 3.23
CA ALA A 199 18.90 -3.35 3.11
C ALA A 199 18.23 -4.63 2.69
N MET A 200 17.09 -4.91 3.30
CA MET A 200 16.39 -6.17 3.02
C MET A 200 14.90 -5.99 3.21
N TYR A 201 14.12 -6.72 2.41
CA TYR A 201 12.67 -6.70 2.59
C TYR A 201 12.13 -8.11 2.31
N THR A 202 10.97 -8.45 2.90
CA THR A 202 10.18 -9.64 2.46
C THR A 202 8.77 -9.28 2.09
N GLY A 203 8.00 -10.31 1.76
CA GLY A 203 6.60 -10.16 1.39
C GLY A 203 5.75 -10.69 2.54
N SER A 204 4.53 -10.19 2.65
CA SER A 204 3.64 -10.66 3.68
C SER A 204 2.94 -11.97 3.25
N GLN A 205 2.79 -12.17 1.93
CA GLN A 205 1.87 -13.19 1.40
C GLN A 205 2.51 -14.50 0.96
N VAL A 207 5.82 -17.17 2.39
CA VAL A 207 5.92 -18.10 3.53
C VAL A 207 5.02 -17.69 4.70
N LEU A 208 4.93 -16.39 5.00
CA LEU A 208 4.18 -15.93 6.16
C LEU A 208 2.68 -16.22 6.05
N GLY A 209 2.14 -16.15 4.84
CA GLY A 209 0.71 -16.41 4.65
C GLY A 209 -0.17 -15.32 5.21
N ALA A 210 0.39 -14.12 5.40
CA ALA A 210 -0.46 -12.98 5.69
C ALA A 210 -1.11 -12.44 4.39
N PRO A 211 -2.06 -11.49 4.51
CA PRO A 211 -2.59 -10.84 3.33
C PRO A 211 -1.45 -10.13 2.56
N PRO A 212 -1.54 -10.06 1.22
CA PRO A 212 -0.62 -9.18 0.50
C PRO A 212 -0.82 -7.72 0.94
N GLY A 213 0.21 -6.90 0.73
CA GLY A 213 0.07 -5.46 0.80
C GLY A 213 0.73 -4.72 1.96
N ILE A 214 1.55 -5.40 2.77
CA ILE A 214 2.43 -4.69 3.77
C ILE A 214 3.78 -5.37 3.76
N THR A 215 4.86 -4.60 3.72
CA THR A 215 6.15 -5.26 3.55
C THR A 215 7.22 -4.89 4.54
N PRO A 216 7.62 -5.90 5.31
CA PRO A 216 8.74 -5.75 6.27
C PRO A 216 10.03 -5.29 5.56
N VAL A 217 10.68 -4.27 6.11
CA VAL A 217 11.98 -3.78 5.59
C VAL A 217 12.93 -3.50 6.72
N SER A 218 14.23 -3.57 6.41
CA SER A 218 15.26 -3.23 7.40
C SER A 218 16.48 -2.62 6.71
N PHE A 219 17.12 -1.67 7.39
CA PHE A 219 18.30 -0.96 6.87
C PHE A 219 19.37 -0.95 7.95
N SER A 220 20.59 -1.30 7.55
CA SER A 220 21.75 -1.33 8.45
C SER A 220 22.22 0.08 8.81
N HIS A 221 23.13 0.18 9.77
CA HIS A 221 23.78 1.45 10.08
C HIS A 221 24.43 2.10 8.83
N ARG A 222 25.07 1.29 7.98
CA ARG A 222 25.74 1.76 6.77
C ARG A 222 24.73 2.39 5.82
N ALA A 223 23.61 1.70 5.65
CA ALA A 223 22.49 2.19 4.84
C ALA A 223 21.93 3.52 5.37
N VAL A 224 21.73 3.59 6.69
CA VAL A 224 21.26 4.83 7.33
C VAL A 224 22.26 5.96 7.12
N GLU A 225 23.54 5.64 7.27
CA GLU A 225 24.60 6.59 6.98
C GLU A 225 24.54 7.09 5.52
N ARG A 226 24.34 6.18 4.57
CA ARG A 226 24.18 6.58 3.16
C ARG A 226 23.01 7.57 3.04
N TYR A 227 21.89 7.25 3.69
CA TYR A 227 20.74 8.12 3.65
C TYR A 227 21.09 9.52 4.16
N LYS A 228 21.80 9.57 5.29
CA LYS A 228 22.11 10.85 5.93
C LYS A 228 23.06 11.70 5.08
N ARG A 229 23.77 11.09 4.14
CA ARG A 229 24.65 11.91 3.31
C ARG A 229 24.10 12.29 1.93
N ARG A 230 22.82 12.01 1.69
CA ARG A 230 22.15 12.49 0.49
C ARG A 230 22.18 14.02 0.45
N ASN A 231 22.32 14.59 -0.75
CA ASN A 231 22.18 16.06 -0.92
C ASN A 231 20.83 16.42 -1.56
N THR A 232 19.99 15.41 -1.79
CA THR A 232 18.66 15.59 -2.39
C THR A 232 17.64 14.82 -1.56
N LYS A 233 16.42 15.35 -1.43
CA LYS A 233 15.38 14.61 -0.70
C LYS A 233 15.00 13.39 -1.52
N VAL A 234 14.61 12.30 -0.85
CA VAL A 234 14.11 11.15 -1.59
C VAL A 234 12.86 11.58 -2.37
N LYS A 235 12.72 11.01 -3.56
CA LYS A 235 11.70 11.47 -4.50
C LYS A 235 10.28 11.18 -4.04
N VAL A 236 10.11 10.22 -3.14
CA VAL A 236 8.76 9.90 -2.68
C VAL A 236 8.60 9.90 -1.16
N TYR A 237 7.85 10.90 -0.72
CA TYR A 237 7.50 11.09 0.67
C TYR A 237 6.97 9.77 1.27
N TYR A 238 6.17 9.05 0.48
CA TYR A 238 5.53 7.82 0.97
C TYR A 238 6.55 6.73 1.36
N TRP A 239 7.72 6.73 0.71
CA TRP A 239 8.80 5.73 0.99
C TRP A 239 9.94 6.25 1.86
N ASP A 240 9.89 7.54 2.27
CA ASP A 240 11.06 8.18 2.91
C ASP A 240 11.40 7.50 4.23
N MET A 241 12.58 6.85 4.30
CA MET A 241 12.99 6.01 5.44
C MET A 241 12.95 6.75 6.76
N SER A 242 13.40 8.00 6.74
CA SER A 242 13.40 8.81 7.93
C SER A 242 11.99 9.05 8.47
N LEU A 243 11.06 9.37 7.56
CA LEU A 243 9.67 9.65 7.94
C LEU A 243 8.89 8.39 8.30
N VAL A 244 8.98 7.31 7.52
CA VAL A 244 8.27 6.13 8.00
C VAL A 244 8.94 5.47 9.22
N GLY A 245 10.27 5.56 9.28
CA GLY A 245 11.00 5.12 10.47
C GLY A 245 10.56 5.88 11.73
N ASP A 246 10.36 7.20 11.62
CA ASP A 246 9.83 7.99 12.75
C ASP A 246 8.40 7.57 13.16
N TYR A 247 7.54 7.36 12.17
CA TYR A 247 6.21 6.83 12.47
C TYR A 247 6.32 5.46 13.19
N TRP A 248 7.27 4.63 12.77
CA TRP A 248 7.49 3.32 13.39
C TRP A 248 8.39 3.31 14.65
N GLY A 249 8.74 4.50 15.15
CA GLY A 249 9.49 4.61 16.43
C GLY A 249 10.93 4.13 16.38
N CYS A 250 11.62 4.39 15.25
CA CYS A 250 12.94 3.82 15.04
C CYS A 250 14.14 4.65 15.48
N PHE A 251 13.98 5.96 15.52
CA PHE A 251 15.15 6.88 15.54
C PHE A 251 15.18 7.82 16.76
N GLY A 252 14.38 7.51 17.78
CA GLY A 252 14.40 8.30 19.02
C GLY A 252 13.65 9.62 18.93
N ARG A 253 13.00 9.88 17.80
CA ARG A 253 12.21 11.10 17.60
C ARG A 253 10.74 10.89 17.96
N PRO A 254 9.95 11.97 18.12
CA PRO A 254 8.53 11.77 18.40
C PRO A 254 7.83 11.07 17.25
N ARG A 255 6.82 10.27 17.58
CA ARG A 255 5.97 9.65 16.58
C ARG A 255 5.15 10.76 16.01
N ILE A 256 5.10 10.88 14.70
CA ILE A 256 4.12 11.81 14.14
C ILE A 256 3.32 11.19 13.00
N TYR A 257 2.42 11.98 12.45
CA TYR A 257 1.61 11.50 11.35
C TYR A 257 2.46 11.43 10.07
N HIS A 258 2.48 10.27 9.43
CA HIS A 258 3.06 10.14 8.13
C HIS A 258 1.95 9.72 7.15
N HIS A 259 1.27 8.62 7.49
CA HIS A 259 0.11 8.17 6.72
C HIS A 259 -0.73 7.25 7.62
N THR A 260 -1.98 6.99 7.22
CA THR A 260 -2.85 6.10 7.98
C THR A 260 -2.49 4.65 7.65
N ILE A 261 -1.84 3.95 8.59
CA ILE A 261 -1.54 2.52 8.37
C ILE A 261 -2.85 1.73 8.32
N SER A 262 -2.79 0.62 7.59
CA SER A 262 -3.94 -0.26 7.52
C SER A 262 -4.02 -1.18 8.74
N SER A 263 -4.91 -0.86 9.69
CA SER A 263 -5.21 -1.72 10.87
C SER A 263 -5.30 -3.19 10.48
N THR A 264 -6.11 -3.43 9.47
CA THR A 264 -6.49 -4.77 9.04
C THR A 264 -5.26 -5.55 8.63
N LEU A 265 -4.39 -4.94 7.82
CA LEU A 265 -3.16 -5.61 7.37
C LEU A 265 -2.18 -5.79 8.53
N LEU A 266 -2.11 -4.81 9.45
CA LEU A 266 -1.32 -5.00 10.69
C LEU A 266 -1.74 -6.26 11.45
N TYR A 267 -3.03 -6.43 11.66
CA TYR A 267 -3.54 -7.55 12.45
C TYR A 267 -3.14 -8.85 11.78
N GLY A 268 -3.42 -8.95 10.48
CA GLY A 268 -3.08 -10.17 9.75
C GLY A 268 -1.59 -10.45 9.81
N LEU A 269 -0.77 -9.42 9.56
CA LEU A 269 0.67 -9.61 9.54
C LEU A 269 1.17 -9.99 10.93
N ARG A 270 0.65 -9.30 11.94
CA ARG A 270 1.03 -9.56 13.33
C ARG A 270 0.82 -11.02 13.65
N GLU A 271 -0.37 -11.53 13.33
CA GLU A 271 -0.68 -12.93 13.59
C GLU A 271 0.21 -13.91 12.80
N ALA A 272 0.45 -13.59 11.52
CA ALA A 272 1.29 -14.43 10.66
C ALA A 272 2.72 -14.49 11.24
N ILE A 273 3.23 -13.33 11.64
CA ILE A 273 4.59 -13.23 12.18
C ILE A 273 4.66 -13.98 13.54
N ALA A 274 3.63 -13.80 14.36
CA ALA A 274 3.54 -14.50 15.66
C ALA A 274 3.64 -16.01 15.43
N MET A 275 2.90 -16.50 14.45
CA MET A 275 2.90 -17.93 14.12
C MET A 275 4.27 -18.45 13.66
N ALA A 276 4.93 -17.68 12.79
CA ALA A 276 6.26 -18.04 12.30
C ALA A 276 7.30 -18.05 13.40
N CYS A 277 7.22 -17.06 14.30
CA CYS A 277 8.17 -16.97 15.41
C CYS A 277 7.97 -18.13 16.39
N GLU A 278 6.71 -18.51 16.60
CA GLU A 278 6.39 -19.64 17.46
C GLU A 278 6.95 -20.96 16.90
N GLU A 279 6.82 -21.17 15.60
CA GLU A 279 7.43 -22.33 14.99
C GLU A 279 8.94 -22.26 15.09
N GLY A 280 9.50 -21.06 14.89
CA GLY A 280 10.94 -20.85 14.96
C GLY A 280 11.61 -21.10 13.64
N LEU A 281 12.66 -20.33 13.36
CA LEU A 281 13.34 -20.45 12.07
C LEU A 281 13.88 -21.87 11.76
N PRO A 282 14.51 -22.54 12.74
CA PRO A 282 15.06 -23.86 12.36
C PRO A 282 14.01 -24.81 11.79
N ALA A 283 12.88 -24.95 12.49
CA ALA A 283 11.81 -25.88 12.07
C ALA A 283 11.10 -25.34 10.82
N LEU A 284 10.90 -24.02 10.77
CA LEU A 284 10.23 -23.39 9.62
C LEU A 284 10.98 -23.61 8.29
N ILE A 285 12.27 -23.28 8.28
CA ILE A 285 13.13 -23.48 7.11
C ILE A 285 13.19 -24.96 6.72
N ALA A 286 13.42 -25.82 7.71
CA ALA A 286 13.52 -27.27 7.52
C ALA A 286 12.26 -27.87 6.87
N ARG A 287 11.09 -27.47 7.38
CA ARG A 287 9.81 -27.87 6.80
C ARG A 287 9.72 -27.50 5.31
N HIS A 288 10.06 -26.28 4.93
CA HIS A 288 10.01 -25.90 3.51
C HIS A 288 11.00 -26.72 2.67
N GLU A 289 12.21 -26.87 3.16
CA GLU A 289 13.25 -27.63 2.46
C GLU A 289 12.85 -29.10 2.30
N ASP A 290 12.28 -29.70 3.35
CA ASP A 290 11.85 -31.10 3.27
C ASP A 290 10.66 -31.29 2.34
N CYS A 291 9.73 -30.34 2.36
CA CYS A 291 8.56 -30.41 1.47
C CYS A 291 9.01 -30.32 0.03
N ALA A 292 10.02 -29.48 -0.24
CA ALA A 292 10.55 -29.32 -1.59
C ALA A 292 11.23 -30.61 -2.05
N LYS A 293 12.01 -31.23 -1.14
CA LYS A 293 12.65 -32.54 -1.39
C LYS A 293 11.60 -33.60 -1.79
N ARG A 294 10.47 -33.62 -1.08
CA ARG A 294 9.38 -34.57 -1.39
C ARG A 294 8.78 -34.28 -2.78
N LEU A 295 8.59 -33.00 -3.07
CA LEU A 295 8.05 -32.59 -4.36
C LEU A 295 9.01 -33.00 -5.48
N TYR A 296 10.31 -32.76 -5.30
CA TYR A 296 11.29 -33.13 -6.33
C TYR A 296 11.26 -34.64 -6.64
N ARG A 297 11.15 -35.46 -5.59
CA ARG A 297 11.07 -36.93 -5.75
C ARG A 297 9.86 -37.31 -6.58
N GLY A 298 8.70 -36.75 -6.23
CA GLY A 298 7.44 -36.99 -6.92
C GLY A 298 7.50 -36.55 -8.36
N LEU A 299 8.02 -35.34 -8.60
CA LEU A 299 8.11 -34.82 -9.97
C LEU A 299 9.05 -35.64 -10.85
N GLN A 300 10.21 -35.96 -10.30
CA GLN A 300 11.23 -36.63 -11.08
C GLN A 300 10.86 -38.10 -11.37
N ASP A 301 10.19 -38.74 -10.40
CA ASP A 301 9.65 -40.09 -10.59
C ASP A 301 8.61 -40.13 -11.71
N ALA A 302 7.89 -39.02 -11.87
CA ALA A 302 6.87 -38.91 -12.89
C ALA A 302 7.43 -38.51 -14.26
N GLY A 303 8.74 -38.27 -14.33
CA GLY A 303 9.41 -37.92 -15.58
C GLY A 303 9.42 -36.44 -15.98
N PHE A 304 9.07 -35.54 -15.05
CA PHE A 304 9.18 -34.10 -15.32
C PHE A 304 10.62 -33.68 -15.10
N GLU A 305 11.01 -32.58 -15.76
CA GLU A 305 12.36 -32.05 -15.68
C GLU A 305 12.34 -30.71 -14.97
N LEU A 306 13.18 -30.58 -13.94
CA LEU A 306 13.27 -29.34 -13.15
C LEU A 306 14.15 -28.34 -13.88
N TYR A 307 13.77 -27.08 -13.79
CA TYR A 307 14.42 -25.98 -14.52
C TYR A 307 15.72 -25.47 -13.87
N ALA A 308 15.73 -25.33 -12.56
CA ALA A 308 16.89 -24.81 -11.85
C ALA A 308 17.93 -25.90 -11.64
N ASP A 309 19.19 -25.50 -11.71
CA ASP A 309 20.32 -26.33 -11.39
C ASP A 309 20.09 -26.96 -10.00
N PRO A 310 20.35 -28.28 -9.87
CA PRO A 310 20.17 -28.94 -8.58
C PRO A 310 20.86 -28.22 -7.40
N LYS A 311 21.97 -27.52 -7.65
CA LYS A 311 22.70 -26.87 -6.55
C LYS A 311 22.11 -25.52 -6.14
N ASP A 312 21.14 -25.03 -6.92
CA ASP A 312 20.65 -23.65 -6.77
C ASP A 312 19.14 -23.54 -6.55
N ARG A 313 18.48 -24.64 -6.16
CA ARG A 313 17.01 -24.63 -6.02
C ARG A 313 16.52 -23.89 -4.78
N LEU A 314 15.49 -23.08 -4.98
CA LEU A 314 14.74 -22.38 -3.93
C LEU A 314 13.57 -23.25 -3.46
N SER A 315 13.52 -23.57 -2.16
CA SER A 315 12.50 -24.50 -1.66
C SER A 315 11.07 -24.05 -1.97
N THR A 316 10.83 -22.73 -1.91
CA THR A 316 9.45 -22.19 -1.88
C THR A 316 8.80 -22.09 -3.27
N VAL A 317 9.61 -22.07 -4.33
CA VAL A 317 9.09 -21.98 -5.70
C VAL A 317 9.88 -22.93 -6.61
N THR A 318 9.18 -23.92 -7.14
CA THR A 318 9.83 -24.94 -7.94
C THR A 318 9.43 -24.74 -9.41
N THR A 319 10.43 -24.53 -10.26
CA THR A 319 10.20 -24.35 -11.68
C THR A 319 10.37 -25.70 -12.40
N ILE A 320 9.36 -26.04 -13.20
CA ILE A 320 9.28 -27.31 -13.92
C ILE A 320 9.16 -26.99 -15.41
N LYS A 321 10.05 -27.56 -16.23
CA LYS A 321 9.96 -27.39 -17.67
C LYS A 321 8.60 -27.91 -18.19
N VAL A 322 7.95 -27.11 -19.04
CA VAL A 322 6.67 -27.52 -19.65
C VAL A 322 6.98 -28.61 -20.69
N PRO A 323 6.40 -29.82 -20.53
CA PRO A 323 6.77 -30.86 -21.50
C PRO A 323 6.34 -30.50 -22.93
N GLN A 324 7.11 -30.99 -23.89
CA GLN A 324 6.76 -30.90 -25.31
C GLN A 324 5.30 -31.27 -25.52
N GLY A 325 4.55 -30.39 -26.20
CA GLY A 325 3.15 -30.66 -26.55
C GLY A 325 2.12 -30.34 -25.47
N VAL A 326 2.56 -29.81 -24.33
CA VAL A 326 1.57 -29.36 -23.35
C VAL A 326 1.36 -27.85 -23.34
N ASP A 327 0.07 -27.50 -23.37
CA ASP A 327 -0.39 -26.14 -23.24
C ASP A 327 -0.48 -25.87 -21.73
N TRP A 328 0.48 -25.08 -21.23
CA TRP A 328 0.59 -24.88 -19.78
C TRP A 328 -0.66 -24.20 -19.24
N LEU A 329 -1.21 -23.23 -20.01
CA LEU A 329 -2.38 -22.48 -19.57
C LEU A 329 -3.59 -23.41 -19.47
N LYS A 330 -3.71 -24.30 -20.45
CA LYS A 330 -4.79 -25.25 -20.47
C LYS A 330 -4.74 -26.17 -19.28
N ALA A 331 -3.55 -26.65 -18.96
CA ALA A 331 -3.31 -27.51 -17.78
C ALA A 331 -3.67 -26.78 -16.47
N ALA A 332 -3.19 -25.55 -16.31
CA ALA A 332 -3.60 -24.70 -15.19
C ALA A 332 -5.14 -24.55 -15.07
N GLN A 333 -5.83 -24.27 -16.19
CA GLN A 333 -7.29 -24.11 -16.20
C GLN A 333 -7.98 -25.40 -15.75
N TYR A 334 -7.52 -26.53 -16.28
CA TYR A 334 -8.05 -27.85 -15.91
C TYR A 334 -7.98 -28.08 -14.39
N ALA A 335 -6.83 -27.76 -13.79
CA ALA A 335 -6.62 -27.98 -12.38
C ALA A 335 -7.53 -27.09 -11.55
N MET A 336 -7.70 -25.84 -12.00
CA MET A 336 -8.54 -24.89 -11.31
C MET A 336 -10.03 -25.23 -11.45
N LYS A 337 -10.45 -25.65 -12.63
CA LYS A 337 -11.85 -26.02 -12.83
C LYS A 337 -12.21 -27.30 -12.10
N THR A 338 -11.32 -28.27 -12.06
CA THR A 338 -11.76 -29.53 -11.51
C THR A 338 -11.56 -29.61 -10.00
N TYR A 339 -10.51 -28.94 -9.50
CA TYR A 339 -10.11 -29.07 -8.08
C TYR A 339 -10.04 -27.79 -7.26
N LEU A 340 -10.18 -26.64 -7.91
CA LEU A 340 -9.93 -25.33 -7.29
C LEU A 340 -8.49 -25.29 -6.74
N VAL A 341 -7.58 -25.95 -7.45
CA VAL A 341 -6.17 -25.79 -7.10
C VAL A 341 -5.37 -25.01 -8.13
N GLU A 342 -4.61 -24.05 -7.61
CA GLU A 342 -3.82 -23.20 -8.45
C GLU A 342 -2.48 -23.82 -8.75
N ILE A 343 -2.20 -23.98 -10.04
CA ILE A 343 -0.82 -24.18 -10.46
C ILE A 343 -0.51 -23.07 -11.49
N SER A 344 0.72 -22.60 -11.50
CA SER A 344 1.03 -21.39 -12.27
C SER A 344 1.99 -21.64 -13.43
N GLY A 345 2.00 -20.73 -14.40
CA GLY A 345 3.02 -20.72 -15.43
C GLY A 345 4.24 -19.92 -14.97
N GLY A 346 4.98 -19.40 -15.95
CA GLY A 346 6.27 -18.72 -15.70
C GLY A 346 6.14 -17.22 -15.51
N LEU A 347 7.29 -16.55 -15.42
CA LEU A 347 7.35 -15.12 -15.14
C LEU A 347 8.56 -14.51 -15.83
N GLY A 348 8.39 -13.40 -16.54
CA GLY A 348 9.54 -12.72 -17.15
C GLY A 348 10.29 -13.67 -18.10
N PRO A 349 11.58 -13.95 -17.84
CA PRO A 349 12.37 -14.82 -18.71
C PRO A 349 11.85 -16.26 -18.85
N THR A 350 11.10 -16.75 -17.87
CA THR A 350 10.56 -18.10 -17.92
C THR A 350 9.10 -18.18 -18.38
N ALA A 351 8.55 -17.06 -18.86
CA ALA A 351 7.16 -16.98 -19.29
C ALA A 351 6.98 -17.96 -20.46
N GLY A 352 5.97 -18.82 -20.35
CA GLY A 352 5.71 -19.88 -21.33
C GLY A 352 6.67 -21.06 -21.35
N GLN A 353 7.69 -21.05 -20.49
CA GLN A 353 8.73 -22.08 -20.46
C GLN A 353 8.56 -23.07 -19.32
N VAL A 354 7.91 -22.62 -18.24
CA VAL A 354 7.83 -23.39 -17.02
C VAL A 354 6.45 -23.38 -16.38
N PHE A 355 6.20 -24.39 -15.53
CA PHE A 355 5.22 -24.33 -14.47
C PHE A 355 5.97 -23.91 -13.20
N ARG A 356 5.24 -23.31 -12.26
CA ARG A 356 5.83 -22.93 -10.97
C ARG A 356 4.90 -23.42 -9.87
N ILE A 357 5.42 -24.27 -9.01
CA ILE A 357 4.67 -24.76 -7.86
C ILE A 357 5.26 -24.15 -6.61
N GLY A 358 4.40 -23.42 -5.89
CA GLY A 358 4.79 -22.81 -4.63
C GLY A 358 4.51 -23.73 -3.46
N LEU A 359 5.50 -23.82 -2.57
CA LEU A 359 5.32 -24.53 -1.31
C LEU A 359 5.65 -23.52 -0.22
N MET A 360 4.62 -22.91 0.31
CA MET A 360 4.76 -21.76 1.21
C MET A 360 3.79 -21.79 2.38
N GLY A 361 4.32 -21.65 3.57
CA GLY A 361 3.52 -21.51 4.79
C GLY A 361 2.54 -22.64 5.05
N GLN A 362 1.26 -22.31 5.02
CA GLN A 362 0.21 -23.31 5.23
C GLN A 362 0.29 -24.45 4.21
N ASN A 363 0.89 -24.19 3.05
CA ASN A 363 0.91 -25.16 1.95
C ASN A 363 2.17 -26.01 1.86
N ALA A 364 3.09 -25.78 2.79
CA ALA A 364 4.29 -26.56 2.94
C ALA A 364 4.04 -27.65 3.97
N THR A 365 3.23 -28.62 3.56
CA THR A 365 2.97 -29.80 4.37
C THR A 365 3.05 -31.00 3.46
N THR A 366 3.23 -32.17 4.05
CA THR A 366 3.32 -33.39 3.25
C THR A 366 2.01 -33.64 2.48
N GLU A 367 0.87 -33.37 3.12
CA GLU A 367 -0.45 -33.57 2.53
C GLU A 367 -0.65 -32.70 1.29
N ARG A 368 -0.25 -31.45 1.40
CA ARG A 368 -0.43 -30.51 0.32
C ARG A 368 0.57 -30.73 -0.82
N VAL A 369 1.77 -31.21 -0.49
CA VAL A 369 2.76 -31.60 -1.49
C VAL A 369 2.13 -32.73 -2.30
N ASP A 370 1.55 -33.71 -1.60
CA ASP A 370 0.96 -34.87 -2.28
C ASP A 370 -0.23 -34.46 -3.13
N ARG A 371 -1.02 -33.49 -2.63
CA ARG A 371 -2.19 -32.99 -3.36
C ARG A 371 -1.78 -32.32 -4.69
N VAL A 372 -0.82 -31.38 -4.62
CA VAL A 372 -0.39 -30.69 -5.82
C VAL A 372 0.30 -31.66 -6.80
N LEU A 373 1.04 -32.65 -6.31
CA LEU A 373 1.63 -33.67 -7.18
C LEU A 373 0.53 -34.43 -7.95
N GLN A 374 -0.51 -34.85 -7.23
CA GLN A 374 -1.65 -35.57 -7.84
C GLN A 374 -2.34 -34.68 -8.88
N VAL A 375 -2.74 -33.45 -8.51
CA VAL A 375 -3.47 -32.62 -9.47
C VAL A 375 -2.61 -32.13 -10.65
N PHE A 376 -1.34 -31.80 -10.38
CA PHE A 376 -0.41 -31.41 -11.46
C PHE A 376 -0.27 -32.51 -12.52
N GLN A 377 0.02 -33.72 -12.07
CA GLN A 377 0.14 -34.86 -12.97
C GLN A 377 -1.15 -35.12 -13.73
N GLU A 378 -2.29 -35.02 -13.06
CA GLU A 378 -3.60 -35.22 -13.72
C GLU A 378 -3.85 -34.15 -14.78
N ALA A 379 -3.55 -32.90 -14.42
CA ALA A 379 -3.77 -31.79 -15.33
C ALA A 379 -2.88 -31.85 -16.56
N VAL A 380 -1.60 -32.18 -16.38
CA VAL A 380 -0.70 -32.32 -17.50
C VAL A 380 -1.12 -33.51 -18.39
N ALA A 381 -1.45 -34.64 -17.76
CA ALA A 381 -1.91 -35.83 -18.50
C ALA A 381 -3.16 -35.53 -19.30
N ALA A 382 -4.03 -34.68 -18.76
CA ALA A 382 -5.27 -34.31 -19.43
C ALA A 382 -5.10 -33.51 -20.74
N VAL A 383 -4.07 -32.67 -20.84
CA VAL A 383 -3.91 -31.84 -22.05
C VAL A 383 -2.85 -32.34 -23.03
N LYS A 384 -2.12 -33.39 -22.65
CA LYS A 384 -1.09 -33.98 -23.49
C LYS A 384 -1.68 -35.18 -24.27
N PRO A 385 -1.04 -35.60 -25.38
CA PRO A 385 -1.39 -36.93 -25.93
C PRO A 385 -1.02 -38.07 -24.96
N MET B 1 26.51 -20.71 14.57
CA MET B 1 25.27 -21.51 14.33
C MET B 1 24.08 -21.01 15.17
N GLU B 2 24.39 -20.17 16.15
CA GLU B 2 23.39 -19.54 16.99
C GLU B 2 22.46 -18.61 16.20
N TYR B 3 21.29 -18.38 16.78
CA TYR B 3 20.39 -17.36 16.30
C TYR B 3 20.48 -16.24 17.35
N LYS B 4 21.24 -15.19 17.05
CA LYS B 4 21.47 -14.10 18.01
C LYS B 4 20.18 -13.40 18.45
N VAL B 5 19.19 -13.34 17.56
CA VAL B 5 17.89 -12.75 17.87
C VAL B 5 16.93 -13.88 18.19
N THR B 6 16.21 -13.74 19.29
CA THR B 6 15.38 -14.84 19.80
C THR B 6 13.89 -14.56 19.51
N PRO B 7 13.04 -15.60 19.52
CA PRO B 7 11.61 -15.36 19.29
C PRO B 7 11.03 -14.42 20.35
N PRO B 8 10.42 -13.29 19.92
CA PRO B 8 9.96 -12.26 20.87
C PRO B 8 8.83 -12.73 21.81
N ALA B 9 9.03 -12.57 23.13
CA ALA B 9 8.00 -12.89 24.11
C ALA B 9 6.69 -12.13 23.88
N VAL B 10 6.82 -10.89 23.45
CA VAL B 10 5.74 -10.02 23.10
C VAL B 10 4.70 -10.69 22.17
N LEU B 11 5.16 -11.52 21.24
CA LEU B 11 4.24 -12.10 20.27
C LEU B 11 3.53 -13.32 20.85
N ARG B 12 3.94 -13.76 22.04
CA ARG B 12 3.19 -14.83 22.71
C ARG B 12 1.93 -14.34 23.38
N GLU B 13 1.81 -13.02 23.51
CA GLU B 13 0.62 -12.40 24.10
C GLU B 13 -0.51 -12.31 23.07
N PRO B 14 -1.77 -12.29 23.51
CA PRO B 14 -2.85 -12.11 22.50
C PRO B 14 -2.78 -10.75 21.81
N LEU B 15 -3.21 -10.71 20.56
CA LEU B 15 -3.38 -9.46 19.83
C LEU B 15 -4.53 -8.72 20.52
N VAL B 16 -4.35 -7.45 20.82
CA VAL B 16 -5.41 -6.67 21.49
C VAL B 16 -5.87 -5.45 20.66
N THR B 17 -7.16 -5.42 20.34
CA THR B 17 -7.73 -4.36 19.50
C THR B 17 -9.02 -3.83 20.14
N PRO B 18 -8.90 -2.88 21.06
CA PRO B 18 -10.10 -2.37 21.74
C PRO B 18 -11.08 -1.79 20.73
N ASN B 19 -12.37 -2.02 20.96
CA ASN B 19 -13.41 -1.52 20.08
C ASN B 19 -13.79 -0.09 20.47
N LYS B 20 -13.35 0.88 19.66
CA LYS B 20 -13.52 2.29 20.00
C LYS B 20 -14.52 3.01 19.09
N LEU B 21 -15.02 4.16 19.54
CA LEU B 21 -15.83 5.02 18.67
C LEU B 21 -14.88 6.07 18.10
N LEU B 22 -14.55 5.94 16.83
CA LEU B 22 -13.51 6.74 16.21
C LEU B 22 -14.13 8.01 15.64
N MET B 23 -14.33 9.00 16.52
CA MET B 23 -14.93 10.28 16.13
C MET B 23 -13.89 11.37 15.80
N GLY B 24 -12.67 10.94 15.49
CA GLY B 24 -11.68 11.84 14.89
C GLY B 24 -11.92 11.96 13.39
N PRO B 25 -10.95 12.53 12.65
CA PRO B 25 -11.08 12.75 11.20
C PRO B 25 -10.75 11.51 10.34
N GLY B 26 -10.62 10.34 10.97
CA GLY B 26 -10.47 9.09 10.21
C GLY B 26 -9.29 8.33 10.79
N PRO B 27 -9.34 6.99 10.73
CA PRO B 27 -10.40 6.17 10.08
C PRO B 27 -11.72 6.22 10.84
N SER B 28 -12.82 5.94 10.13
CA SER B 28 -14.13 5.83 10.76
C SER B 28 -14.45 4.34 11.03
N ASN B 29 -15.45 4.08 11.89
CA ASN B 29 -15.78 2.72 12.28
C ASN B 29 -16.28 1.92 11.07
N ALA B 30 -15.67 0.77 10.80
CA ALA B 30 -16.05 -0.08 9.68
C ALA B 30 -17.43 -0.71 9.92
N PRO B 31 -18.28 -0.74 8.88
CA PRO B 31 -19.50 -1.55 8.99
C PRO B 31 -19.18 -3.01 9.28
N GLN B 32 -20.01 -3.66 10.11
CA GLN B 32 -19.79 -5.07 10.38
C GLN B 32 -19.68 -5.89 9.09
N ARG B 33 -20.46 -5.52 8.06
CA ARG B 33 -20.39 -6.22 6.78
C ARG B 33 -18.98 -6.14 6.19
N VAL B 34 -18.33 -4.98 6.36
CA VAL B 34 -16.98 -4.90 5.80
C VAL B 34 -15.94 -5.67 6.60
N LEU B 35 -16.03 -5.62 7.93
CA LEU B 35 -15.18 -6.46 8.76
C LEU B 35 -15.34 -7.98 8.49
N ASP B 36 -16.58 -8.44 8.40
CA ASP B 36 -16.82 -9.87 8.12
C ASP B 36 -16.14 -10.27 6.81
N ALA B 37 -16.29 -9.44 5.77
CA ALA B 37 -15.77 -9.75 4.42
C ALA B 37 -14.26 -9.93 4.41
N MET B 38 -13.59 -9.26 5.34
CA MET B 38 -12.14 -9.34 5.37
C MET B 38 -11.59 -10.62 6.02
N SER B 39 -12.50 -11.50 6.46
CA SER B 39 -12.15 -12.88 6.83
C SER B 39 -12.25 -13.86 5.66
N ARG B 40 -12.70 -13.40 4.49
CA ARG B 40 -12.78 -14.28 3.30
C ARG B 40 -11.37 -14.79 2.91
N PRO B 41 -11.30 -15.97 2.27
CA PRO B 41 -10.00 -16.54 1.89
C PRO B 41 -9.31 -15.66 0.87
N ILE B 42 -7.99 -15.71 0.87
CA ILE B 42 -7.17 -14.97 -0.07
C ILE B 42 -7.38 -15.54 -1.49
N LEU B 43 -7.40 -14.66 -2.47
CA LEU B 43 -7.42 -15.02 -3.88
C LEU B 43 -6.15 -14.59 -4.59
N GLY B 44 -5.80 -15.30 -5.67
CA GLY B 44 -4.66 -14.89 -6.48
C GLY B 44 -4.91 -13.54 -7.11
N HIS B 45 -3.87 -12.74 -7.23
CA HIS B 45 -3.98 -11.36 -7.77
C HIS B 45 -4.42 -11.25 -9.23
N LEU B 46 -4.30 -12.33 -10.01
CA LEU B 46 -4.75 -12.33 -11.40
C LEU B 46 -5.89 -13.33 -11.68
N HIS B 47 -6.48 -13.88 -10.61
CA HIS B 47 -7.55 -14.86 -10.73
C HIS B 47 -8.78 -14.15 -11.24
N PRO B 48 -9.57 -14.81 -12.10
CA PRO B 48 -10.79 -14.18 -12.62
C PRO B 48 -11.70 -13.56 -11.54
N GLU B 49 -11.81 -14.20 -10.37
CA GLU B 49 -12.72 -13.73 -9.30
C GLU B 49 -12.19 -12.42 -8.70
N THR B 50 -10.87 -12.29 -8.67
CA THR B 50 -10.23 -11.05 -8.21
C THR B 50 -10.48 -9.93 -9.22
N LEU B 51 -10.34 -10.25 -10.51
CA LEU B 51 -10.52 -9.25 -11.55
C LEU B 51 -11.96 -8.79 -11.58
N LYS B 52 -12.88 -9.71 -11.30
CA LYS B 52 -14.30 -9.41 -11.19
C LYS B 52 -14.56 -8.39 -10.06
N ILE B 53 -13.97 -8.62 -8.89
CA ILE B 53 -14.10 -7.70 -7.77
C ILE B 53 -13.55 -6.32 -8.15
N MET B 54 -12.38 -6.31 -8.79
CA MET B 54 -11.76 -5.07 -9.27
C MET B 54 -12.69 -4.34 -10.25
N ASP B 55 -13.26 -5.09 -11.20
CA ASP B 55 -14.20 -4.53 -12.18
C ASP B 55 -15.39 -3.87 -11.49
N ASP B 56 -15.92 -4.54 -10.46
CA ASP B 56 -17.11 -4.07 -9.75
C ASP B 56 -16.75 -2.84 -8.96
N ILE B 57 -15.56 -2.87 -8.36
CA ILE B 57 -15.04 -1.69 -7.66
C ILE B 57 -14.95 -0.47 -8.61
N LYS B 58 -14.44 -0.67 -9.82
CA LYS B 58 -14.35 0.41 -10.80
C LYS B 58 -15.71 1.02 -11.10
N GLU B 59 -16.73 0.19 -11.28
CA GLU B 59 -18.08 0.73 -11.55
C GLU B 59 -18.56 1.56 -10.37
N GLY B 60 -18.30 1.06 -9.16
CA GLY B 60 -18.69 1.79 -7.95
C GLY B 60 -17.93 3.09 -7.79
N VAL B 61 -16.61 3.11 -8.05
CA VAL B 61 -15.92 4.42 -7.96
C VAL B 61 -16.39 5.40 -9.03
N ARG B 62 -16.65 4.91 -10.24
CA ARG B 62 -17.24 5.76 -11.27
C ARG B 62 -18.55 6.42 -10.81
N TYR B 63 -19.40 5.65 -10.12
CA TYR B 63 -20.64 6.20 -9.55
C TYR B 63 -20.33 7.29 -8.51
N LEU B 64 -19.52 6.92 -7.52
CA LEU B 64 -19.23 7.82 -6.42
C LEU B 64 -18.55 9.13 -6.88
N PHE B 65 -17.63 9.01 -7.83
CA PHE B 65 -16.91 10.17 -8.42
C PHE B 65 -17.77 10.94 -9.42
N GLN B 66 -18.81 10.27 -9.94
CA GLN B 66 -19.57 10.73 -11.12
C GLN B 66 -18.62 10.98 -12.30
N THR B 67 -17.98 9.91 -12.76
CA THR B 67 -17.17 9.97 -13.98
C THR B 67 -17.40 8.76 -14.86
N ASN B 68 -17.20 8.96 -16.17
CA ASN B 68 -17.11 7.81 -17.07
C ASN B 68 -15.68 7.50 -17.51
N ASN B 69 -14.71 8.02 -16.77
CA ASN B 69 -13.29 7.91 -17.19
C ASN B 69 -12.91 6.44 -17.28
N ILE B 70 -12.41 6.03 -18.43
CA ILE B 70 -11.87 4.66 -18.53
C ILE B 70 -10.66 4.43 -17.60
N ALA B 71 -9.86 5.48 -17.35
CA ALA B 71 -8.67 5.37 -16.47
C ALA B 71 -9.12 5.54 -15.02
N THR B 72 -9.92 4.59 -14.55
CA THR B 72 -10.43 4.59 -13.16
C THR B 72 -10.03 3.27 -12.52
N PHE B 73 -9.36 3.34 -11.37
CA PHE B 73 -8.83 2.17 -10.70
C PHE B 73 -8.55 2.49 -9.21
N CYS B 74 -7.91 1.57 -8.50
CA CYS B 74 -7.45 1.87 -7.13
C CYS B 74 -5.95 1.63 -7.03
N LEU B 75 -5.31 2.45 -6.20
CA LEU B 75 -3.89 2.32 -5.89
C LEU B 75 -3.73 1.51 -4.63
N SER B 76 -2.73 0.62 -4.64
CA SER B 76 -2.39 -0.23 -3.49
C SER B 76 -1.51 0.55 -2.49
N ALA B 77 -2.14 1.52 -1.84
CA ALA B 77 -1.46 2.47 -0.95
C ALA B 77 -2.55 3.25 -0.22
N SER B 78 -2.17 3.85 0.92
CA SER B 78 -3.07 4.76 1.63
C SER B 78 -3.34 6.05 0.83
N GLY B 79 -4.20 6.90 1.40
CA GLY B 79 -4.61 8.16 0.72
C GLY B 79 -3.48 9.04 0.18
N HIS B 80 -2.38 9.12 0.91
CA HIS B 80 -1.17 9.81 0.43
C HIS B 80 -0.71 9.28 -0.94
N GLY B 81 -0.87 7.97 -1.16
CA GLY B 81 -0.56 7.31 -2.44
C GLY B 81 -1.31 7.87 -3.64
N GLY B 82 -2.56 8.30 -3.42
CA GLY B 82 -3.34 9.02 -4.41
C GLY B 82 -2.68 10.35 -4.76
N MET B 83 -2.30 11.11 -3.74
CA MET B 83 -1.57 12.35 -3.97
C MET B 83 -0.26 12.05 -4.72
N GLU B 84 0.50 11.07 -4.24
CA GLU B 84 1.76 10.66 -4.90
C GLU B 84 1.59 10.34 -6.39
N ALA B 85 0.64 9.47 -6.72
CA ALA B 85 0.52 8.93 -8.07
C ALA B 85 0.08 10.00 -9.08
N THR B 86 -0.83 10.82 -8.60
CA THR B 86 -1.44 11.85 -9.41
C THR B 86 -0.33 12.88 -9.76
N LEU B 87 0.50 13.24 -8.78
CA LEU B 87 1.65 14.11 -9.03
C LEU B 87 2.76 13.45 -9.86
N CYS B 88 3.05 12.20 -9.53
CA CYS B 88 4.14 11.45 -10.17
C CYS B 88 3.86 11.28 -11.67
N ASN B 89 2.63 10.98 -12.01
CA ASN B 89 2.33 10.71 -13.42
C ASN B 89 2.25 11.98 -14.26
N LEU B 90 1.83 13.07 -13.63
CA LEU B 90 1.41 14.26 -14.39
C LEU B 90 2.43 15.39 -14.33
N LEU B 91 3.56 15.13 -13.66
CA LEU B 91 4.64 16.11 -13.60
C LEU B 91 5.96 15.57 -14.16
N GLU B 92 6.64 16.40 -14.94
CA GLU B 92 8.04 16.19 -15.28
C GLU B 92 8.90 17.32 -14.71
N ASP B 93 10.21 17.10 -14.67
CA ASP B 93 11.14 18.05 -14.04
C ASP B 93 10.92 19.43 -14.62
N GLY B 94 10.80 20.42 -13.75
CA GLY B 94 10.64 21.80 -14.21
C GLY B 94 9.24 22.25 -14.56
N ASP B 95 8.27 21.33 -14.57
CA ASP B 95 6.87 21.73 -14.79
C ASP B 95 6.39 22.59 -13.65
N VAL B 96 5.63 23.63 -13.99
CA VAL B 96 5.13 24.58 -13.01
C VAL B 96 3.80 24.05 -12.52
N ILE B 97 3.67 23.88 -11.20
CA ILE B 97 2.39 23.49 -10.59
C ILE B 97 2.02 24.55 -9.60
N LEU B 98 0.73 24.88 -9.60
CA LEU B 98 0.18 25.78 -8.62
C LEU B 98 -0.58 24.94 -7.60
N ILE B 99 -0.23 25.09 -6.33
CA ILE B 99 -1.02 24.45 -5.31
C ILE B 99 -1.98 25.48 -4.63
N GLY B 100 -3.26 25.12 -4.59
CA GLY B 100 -4.25 25.92 -3.88
C GLY B 100 -4.23 25.48 -2.43
N HIS B 101 -3.63 26.28 -1.57
CA HIS B 101 -3.43 25.92 -0.17
C HIS B 101 -4.60 26.40 0.71
N THR B 102 -5.36 25.43 1.23
CA THR B 102 -6.45 25.70 2.16
C THR B 102 -6.23 25.02 3.52
N GLY B 103 -4.98 24.67 3.81
CA GLY B 103 -4.64 23.88 5.01
C GLY B 103 -3.45 22.99 4.77
N HIS B 104 -3.24 22.07 5.71
CA HIS B 104 -2.12 21.12 5.65
C HIS B 104 -1.90 20.49 4.29
N TRP B 105 -2.99 20.10 3.63
CA TRP B 105 -2.89 19.36 2.37
C TRP B 105 -2.20 20.15 1.25
N GLY B 106 -2.23 21.48 1.35
CA GLY B 106 -1.44 22.34 0.50
C GLY B 106 0.06 22.16 0.77
N ASP B 107 0.43 22.04 2.04
CA ASP B 107 1.82 21.83 2.40
C ASP B 107 2.33 20.47 1.90
N ARG B 108 1.53 19.43 2.11
CA ARG B 108 1.94 18.05 1.76
C ARG B 108 2.06 17.89 0.21
N SER B 109 1.08 18.42 -0.51
CA SER B 109 1.13 18.36 -1.98
C SER B 109 2.34 19.17 -2.53
N ALA B 110 2.62 20.33 -1.94
CA ALA B 110 3.79 21.11 -2.37
C ALA B 110 5.10 20.33 -2.17
N ASP B 111 5.17 19.64 -1.03
CA ASP B 111 6.30 18.79 -0.65
C ASP B 111 6.52 17.71 -1.73
N MET B 112 5.47 16.94 -2.04
CA MET B 112 5.61 15.84 -3.01
C MET B 112 5.98 16.38 -4.38
N ALA B 113 5.31 17.45 -4.79
CA ALA B 113 5.60 18.05 -6.09
C ALA B 113 7.06 18.47 -6.15
N THR B 114 7.55 19.07 -5.06
CA THR B 114 8.97 19.42 -5.09
C THR B 114 9.89 18.20 -5.13
N ARG B 115 9.52 17.12 -4.43
CA ARG B 115 10.33 15.90 -4.45
C ARG B 115 10.38 15.28 -5.86
N TYR B 116 9.29 15.46 -6.61
CA TYR B 116 9.21 14.95 -7.98
C TYR B 116 9.85 15.88 -9.01
N GLY B 117 10.49 16.96 -8.54
CA GLY B 117 11.22 17.84 -9.48
C GLY B 117 10.47 19.00 -10.11
N ALA B 118 9.26 19.27 -9.66
CA ALA B 118 8.49 20.40 -10.17
C ALA B 118 8.91 21.76 -9.62
N ASP B 119 8.47 22.80 -10.33
CA ASP B 119 8.58 24.21 -9.94
C ASP B 119 7.28 24.54 -9.24
N VAL B 120 7.34 24.58 -7.89
CA VAL B 120 6.14 24.66 -7.07
C VAL B 120 5.75 26.09 -6.75
N ARG B 121 4.50 26.44 -7.07
CA ARG B 121 3.94 27.76 -6.74
C ARG B 121 2.77 27.53 -5.80
N VAL B 122 2.55 28.47 -4.88
CA VAL B 122 1.38 28.33 -4.01
C VAL B 122 0.57 29.61 -3.85
N VAL B 123 -0.76 29.44 -3.89
CA VAL B 123 -1.70 30.50 -3.55
C VAL B 123 -2.42 30.08 -2.26
N LYS B 124 -2.33 30.93 -1.25
CA LYS B 124 -2.83 30.61 0.08
C LYS B 124 -4.18 31.27 0.36
N SER B 125 -5.12 30.50 0.89
CA SER B 125 -6.43 31.03 1.27
C SER B 125 -6.31 31.98 2.47
N LYS B 126 -7.34 32.80 2.69
CA LYS B 126 -7.49 33.44 4.00
C LYS B 126 -7.72 32.38 5.08
N VAL B 127 -7.30 32.67 6.32
CA VAL B 127 -7.48 31.72 7.44
C VAL B 127 -8.92 31.27 7.65
N GLY B 128 -9.08 29.95 7.71
CA GLY B 128 -10.38 29.34 7.93
C GLY B 128 -11.31 29.47 6.74
N GLN B 129 -10.78 29.91 5.59
CA GLN B 129 -11.59 30.10 4.38
C GLN B 129 -11.14 29.23 3.22
N SER B 130 -12.05 29.00 2.29
CA SER B 130 -11.65 28.44 1.00
C SER B 130 -11.06 29.54 0.13
N LEU B 131 -10.51 29.14 -1.02
CA LEU B 131 -10.04 30.09 -2.03
C LEU B 131 -11.23 30.55 -2.89
N SER B 132 -11.30 31.83 -3.21
CA SER B 132 -12.35 32.29 -4.11
C SER B 132 -11.97 31.96 -5.54
N LEU B 133 -12.96 31.97 -6.42
CA LEU B 133 -12.71 31.79 -7.85
C LEU B 133 -11.75 32.88 -8.37
N ASP B 134 -11.94 34.13 -7.92
CA ASP B 134 -11.07 35.24 -8.33
C ASP B 134 -9.62 34.98 -7.92
N GLU B 135 -9.42 34.54 -6.68
CA GLU B 135 -8.08 34.25 -6.16
C GLU B 135 -7.38 33.17 -6.98
N ILE B 136 -8.15 32.14 -7.33
CA ILE B 136 -7.65 31.04 -8.18
C ILE B 136 -7.27 31.55 -9.57
N ARG B 137 -8.17 32.29 -10.21
CA ARG B 137 -7.94 32.90 -11.53
C ARG B 137 -6.69 33.79 -11.51
N ASP B 138 -6.59 34.68 -10.54
CA ASP B 138 -5.45 35.59 -10.46
C ASP B 138 -4.13 34.80 -10.40
N ALA B 139 -4.08 33.76 -9.56
CA ALA B 139 -2.87 32.96 -9.42
C ALA B 139 -2.53 32.14 -10.68
N LEU B 140 -3.56 31.59 -11.33
CA LEU B 140 -3.41 30.91 -12.61
C LEU B 140 -2.79 31.83 -13.65
N LEU B 141 -3.29 33.06 -13.71
CA LEU B 141 -2.83 34.01 -14.73
C LEU B 141 -1.35 34.38 -14.50
N ILE B 142 -1.00 34.59 -13.22
CA ILE B 142 0.33 34.99 -12.71
C ILE B 142 1.39 33.89 -12.92
N HIS B 143 1.03 32.66 -12.59
CA HIS B 143 1.98 31.55 -12.63
C HIS B 143 2.00 30.74 -13.92
N LYS B 144 0.90 30.78 -14.67
CA LYS B 144 0.78 29.98 -15.91
C LYS B 144 1.20 28.51 -15.70
N PRO B 145 0.59 27.82 -14.69
CA PRO B 145 1.04 26.44 -14.44
C PRO B 145 0.46 25.41 -15.44
N SER B 146 1.12 24.25 -15.53
CA SER B 146 0.57 23.13 -16.28
C SER B 146 -0.37 22.26 -15.45
N VAL B 147 -0.26 22.38 -14.10
CA VAL B 147 -1.10 21.65 -13.17
C VAL B 147 -1.56 22.59 -12.04
N LEU B 148 -2.84 22.49 -11.68
CA LEU B 148 -3.35 23.12 -10.46
C LEU B 148 -3.82 21.99 -9.56
N PHE B 149 -3.46 22.06 -8.28
CA PHE B 149 -3.83 21.03 -7.30
C PHE B 149 -4.68 21.70 -6.23
N LEU B 150 -5.88 21.15 -6.01
CA LEU B 150 -6.79 21.61 -4.95
C LEU B 150 -7.25 20.47 -4.03
N THR B 151 -7.52 20.79 -2.77
CA THR B 151 -8.04 19.81 -1.83
C THR B 151 -9.49 20.19 -1.56
N GLN B 152 -10.42 19.34 -1.99
CA GLN B 152 -11.85 19.66 -1.83
C GLN B 152 -12.22 19.74 -0.37
N GLY B 153 -11.82 18.73 0.41
CA GLY B 153 -12.07 18.77 1.86
C GLY B 153 -10.74 18.77 2.60
N ASP B 154 -10.32 19.94 3.08
CA ASP B 154 -9.09 19.95 3.85
C ASP B 154 -9.39 19.62 5.32
N SER B 155 -9.00 18.41 5.72
CA SER B 155 -9.30 17.88 7.05
C SER B 155 -8.53 18.58 8.20
N SER B 156 -7.51 19.37 7.88
CA SER B 156 -6.76 20.08 8.93
C SER B 156 -7.50 21.33 9.40
N THR B 157 -8.21 21.97 8.46
CA THR B 157 -8.91 23.23 8.73
C THR B 157 -10.44 23.10 8.72
N GLY B 158 -10.95 21.96 8.23
CA GLY B 158 -12.39 21.69 8.14
C GLY B 158 -13.04 22.55 7.07
N VAL B 159 -12.30 22.76 5.97
CA VAL B 159 -12.70 23.71 4.93
C VAL B 159 -13.05 22.95 3.66
N LEU B 160 -14.20 23.28 3.09
CA LEU B 160 -14.68 22.70 1.84
C LEU B 160 -14.40 23.72 0.76
N GLN B 161 -13.59 23.31 -0.21
CA GLN B 161 -13.20 24.18 -1.34
C GLN B 161 -14.21 24.05 -2.48
N GLY B 162 -14.81 25.18 -2.88
CA GLY B 162 -15.71 25.21 -4.03
C GLY B 162 -14.96 24.98 -5.33
N LEU B 163 -15.61 24.28 -6.27
CA LEU B 163 -14.93 23.87 -7.50
C LEU B 163 -15.60 24.24 -8.83
N GLU B 164 -16.83 24.76 -8.80
CA GLU B 164 -17.51 25.05 -10.06
C GLU B 164 -16.75 26.10 -10.83
N GLY B 165 -16.55 25.80 -12.11
CA GLY B 165 -15.87 26.70 -13.04
C GLY B 165 -14.36 26.59 -13.05
N VAL B 166 -13.77 25.90 -12.06
CA VAL B 166 -12.29 25.91 -12.02
C VAL B 166 -11.60 25.04 -13.08
N GLY B 167 -12.09 23.82 -13.29
CA GLY B 167 -11.60 22.99 -14.39
C GLY B 167 -11.73 23.69 -15.75
N ALA B 168 -12.90 24.29 -15.97
CA ALA B 168 -13.16 25.05 -17.22
C ALA B 168 -12.08 26.10 -17.41
N LEU B 169 -11.82 26.88 -16.35
CA LEU B 169 -10.81 27.94 -16.36
C LEU B 169 -9.41 27.37 -16.62
N CYS B 170 -9.07 26.28 -15.91
CA CYS B 170 -7.80 25.59 -16.15
C CYS B 170 -7.63 25.23 -17.60
N HIS B 171 -8.71 24.71 -18.20
CA HIS B 171 -8.63 24.23 -19.58
C HIS B 171 -8.55 25.35 -20.61
N GLN B 172 -8.96 26.56 -20.23
CA GLN B 172 -8.71 27.76 -21.06
C GLN B 172 -7.21 28.08 -21.10
N HIS B 173 -6.45 27.52 -20.16
CA HIS B 173 -5.06 27.92 -19.99
C HIS B 173 -4.07 26.76 -20.01
N ASN B 174 -4.42 25.69 -20.75
CA ASN B 174 -3.60 24.49 -20.87
C ASN B 174 -3.07 23.97 -19.54
N CYS B 175 -3.96 23.92 -18.55
CA CYS B 175 -3.64 23.47 -17.21
C CYS B 175 -4.56 22.31 -16.87
N LEU B 176 -4.00 21.31 -16.18
CA LEU B 176 -4.74 20.14 -15.66
C LEU B 176 -5.19 20.45 -14.25
N LEU B 177 -6.32 19.88 -13.83
CA LEU B 177 -6.84 20.11 -12.48
C LEU B 177 -6.84 18.79 -11.69
N ILE B 178 -6.09 18.78 -10.58
CA ILE B 178 -6.04 17.61 -9.71
C ILE B 178 -6.75 17.96 -8.38
N VAL B 179 -7.62 17.06 -7.90
CA VAL B 179 -8.43 17.34 -6.71
C VAL B 179 -8.38 16.16 -5.74
N ASP B 180 -8.00 16.45 -4.49
CA ASP B 180 -8.04 15.49 -3.38
C ASP B 180 -9.45 15.51 -2.81
N THR B 181 -10.11 14.35 -2.79
CA THR B 181 -11.44 14.23 -2.17
C THR B 181 -11.48 13.19 -1.03
N VAL B 182 -10.33 12.95 -0.41
CA VAL B 182 -10.22 11.92 0.63
C VAL B 182 -11.22 12.15 1.76
N ALA B 183 -11.26 13.38 2.29
CA ALA B 183 -12.15 13.75 3.40
C ALA B 183 -13.55 14.17 2.94
N SER B 184 -13.69 14.56 1.67
CA SER B 184 -14.93 15.19 1.20
C SER B 184 -15.92 14.26 0.48
N LEU B 185 -15.40 13.26 -0.23
CA LEU B 185 -16.29 12.43 -1.05
C LEU B 185 -17.35 11.78 -0.17
N GLY B 186 -18.62 11.85 -0.60
CA GLY B 186 -19.73 11.30 0.18
C GLY B 186 -20.30 12.24 1.24
N GLY B 187 -19.57 13.32 1.54
CA GLY B 187 -19.98 14.33 2.53
C GLY B 187 -20.21 15.70 1.93
N ALA B 188 -19.92 15.84 0.63
CA ALA B 188 -20.19 17.06 -0.11
C ALA B 188 -20.41 16.72 -1.60
N PRO B 189 -21.15 17.57 -2.35
CA PRO B 189 -21.30 17.26 -3.78
C PRO B 189 -19.96 17.12 -4.52
N MET B 190 -19.88 16.16 -5.44
CA MET B 190 -18.75 16.04 -6.36
C MET B 190 -19.25 15.49 -7.69
N PHE B 191 -18.88 16.17 -8.78
CA PHE B 191 -19.23 15.72 -10.13
C PHE B 191 -17.95 15.84 -10.95
N MET B 192 -17.17 14.77 -11.00
CA MET B 192 -15.83 14.84 -11.57
C MET B 192 -15.88 15.36 -13.02
N ASP B 193 -16.74 14.77 -13.84
CA ASP B 193 -16.76 15.11 -15.26
C ASP B 193 -17.40 16.45 -15.51
N ARG B 194 -18.52 16.71 -14.83
CA ARG B 194 -19.21 17.98 -15.00
C ARG B 194 -18.34 19.18 -14.59
N TRP B 195 -17.52 18.98 -13.56
CA TRP B 195 -16.62 20.03 -13.06
C TRP B 195 -15.25 20.04 -13.76
N GLU B 196 -15.09 19.24 -14.82
CA GLU B 196 -13.85 19.23 -15.65
C GLU B 196 -12.60 18.96 -14.81
N ILE B 197 -12.71 18.00 -13.89
CA ILE B 197 -11.59 17.59 -13.07
C ILE B 197 -10.79 16.52 -13.81
N ASP B 198 -9.46 16.69 -13.84
CA ASP B 198 -8.60 15.81 -14.62
C ASP B 198 -8.03 14.60 -13.90
N ALA B 199 -7.83 14.72 -12.59
CA ALA B 199 -7.35 13.60 -11.78
C ALA B 199 -7.91 13.78 -10.40
N MET B 200 -8.33 12.69 -9.79
CA MET B 200 -9.00 12.78 -8.51
C MET B 200 -8.84 11.46 -7.76
N TYR B 201 -8.77 11.57 -6.44
CA TYR B 201 -8.66 10.37 -5.61
C TYR B 201 -9.42 10.59 -4.32
N THR B 202 -9.78 9.49 -3.67
CA THR B 202 -10.43 9.56 -2.36
C THR B 202 -9.80 8.54 -1.42
N GLY B 203 -10.25 8.48 -0.17
CA GLY B 203 -9.67 7.54 0.80
C GLY B 203 -10.64 6.40 1.04
N SER B 204 -10.12 5.25 1.44
CA SER B 204 -11.00 4.13 1.76
C SER B 204 -11.62 4.30 3.16
N GLN B 205 -10.90 4.97 4.07
CA GLN B 205 -11.20 4.91 5.51
C GLN B 205 -12.04 6.06 6.06
N VAL B 207 -15.43 8.51 4.63
CA VAL B 207 -16.88 8.32 4.54
C VAL B 207 -17.25 6.85 4.24
N LEU B 208 -16.40 6.17 3.45
CA LEU B 208 -16.64 4.77 3.05
C LEU B 208 -16.61 3.80 4.21
N GLY B 209 -15.71 4.04 5.16
CA GLY B 209 -15.55 3.16 6.32
C GLY B 209 -14.96 1.80 5.98
N ALA B 210 -14.26 1.74 4.84
CA ALA B 210 -13.44 0.60 4.54
C ALA B 210 -12.13 0.66 5.34
N PRO B 211 -11.35 -0.44 5.35
CA PRO B 211 -10.04 -0.34 6.00
C PRO B 211 -9.20 0.71 5.27
N PRO B 212 -8.29 1.41 5.97
CA PRO B 212 -7.29 2.20 5.26
C PRO B 212 -6.47 1.33 4.30
N GLY B 213 -5.79 1.95 3.34
CA GLY B 213 -4.75 1.26 2.57
C GLY B 213 -5.02 0.94 1.10
N ILE B 214 -6.19 1.32 0.57
CA ILE B 214 -6.45 1.21 -0.89
C ILE B 214 -7.15 2.47 -1.31
N THR B 215 -6.70 3.10 -2.39
CA THR B 215 -7.26 4.40 -2.74
C THR B 215 -7.73 4.51 -4.18
N PRO B 216 -9.04 4.73 -4.33
CA PRO B 216 -9.64 4.96 -5.64
C PRO B 216 -9.07 6.21 -6.28
N VAL B 217 -8.79 6.10 -7.58
CA VAL B 217 -8.21 7.22 -8.35
C VAL B 217 -8.81 7.21 -9.77
N SER B 218 -8.95 8.39 -10.38
CA SER B 218 -9.43 8.51 -11.75
C SER B 218 -8.68 9.59 -12.51
N PHE B 219 -8.43 9.33 -13.80
CA PHE B 219 -7.75 10.27 -14.70
C PHE B 219 -8.59 10.52 -15.96
N SER B 220 -8.72 11.79 -16.36
CA SER B 220 -9.51 12.19 -17.54
C SER B 220 -8.69 11.87 -18.78
N HIS B 221 -9.34 11.95 -19.94
CA HIS B 221 -8.65 11.80 -21.22
C HIS B 221 -7.52 12.85 -21.37
N ARG B 222 -7.74 14.09 -20.90
CA ARG B 222 -6.69 15.13 -20.94
C ARG B 222 -5.47 14.72 -20.10
N ALA B 223 -5.72 14.10 -18.95
CA ALA B 223 -4.64 13.63 -18.06
C ALA B 223 -3.87 12.48 -18.69
N VAL B 224 -4.60 11.55 -19.32
CA VAL B 224 -3.98 10.45 -20.07
C VAL B 224 -3.12 11.01 -21.22
N GLU B 225 -3.65 12.00 -21.95
CA GLU B 225 -2.85 12.69 -22.99
C GLU B 225 -1.55 13.25 -22.44
N ARG B 226 -1.61 13.88 -21.25
CA ARG B 226 -0.39 14.39 -20.61
C ARG B 226 0.63 13.28 -20.37
N TYR B 227 0.15 12.16 -19.84
CA TYR B 227 1.01 11.01 -19.60
C TYR B 227 1.65 10.61 -20.92
N LYS B 228 0.83 10.51 -21.98
CA LYS B 228 1.36 10.05 -23.28
C LYS B 228 2.43 10.99 -23.89
N ARG B 229 2.41 12.27 -23.51
CA ARG B 229 3.42 13.19 -24.07
C ARG B 229 4.68 13.36 -23.22
N ARG B 230 4.77 12.60 -22.13
CA ARG B 230 6.00 12.53 -21.33
C ARG B 230 7.20 12.08 -22.18
N ASN B 231 8.35 12.71 -21.92
CA ASN B 231 9.64 12.32 -22.53
C ASN B 231 10.41 11.31 -21.70
N THR B 232 10.03 11.12 -20.43
CA THR B 232 10.67 10.10 -19.60
C THR B 232 9.63 9.29 -18.84
N LYS B 233 10.00 8.05 -18.50
CA LYS B 233 9.14 7.20 -17.69
C LYS B 233 8.89 7.83 -16.33
N VAL B 234 7.69 7.60 -15.79
CA VAL B 234 7.39 8.07 -14.43
C VAL B 234 8.40 7.48 -13.45
N LYS B 235 8.70 8.24 -12.41
CA LYS B 235 9.78 7.86 -11.49
C LYS B 235 9.48 6.61 -10.67
N VAL B 236 8.20 6.26 -10.51
CA VAL B 236 7.89 5.08 -9.71
C VAL B 236 6.98 4.06 -10.40
N TYR B 237 7.59 2.91 -10.70
CA TYR B 237 6.89 1.80 -11.34
C TYR B 237 5.57 1.48 -10.61
N TYR B 238 5.63 1.50 -9.27
CA TYR B 238 4.48 1.22 -8.42
C TYR B 238 3.25 2.12 -8.67
N TRP B 239 3.48 3.35 -9.13
CA TRP B 239 2.39 4.35 -9.36
C TRP B 239 2.06 4.57 -10.83
N ASP B 240 2.76 3.87 -11.74
CA ASP B 240 2.71 4.18 -13.17
C ASP B 240 1.29 3.96 -13.70
N MET B 241 0.62 5.02 -14.13
CA MET B 241 -0.82 4.96 -14.49
C MET B 241 -1.12 3.94 -15.60
N SER B 242 -0.22 3.82 -16.56
CA SER B 242 -0.41 2.90 -17.68
C SER B 242 -0.36 1.45 -17.23
N LEU B 243 0.62 1.14 -16.39
CA LEU B 243 0.84 -0.22 -15.88
C LEU B 243 -0.24 -0.61 -14.87
N VAL B 244 -0.57 0.25 -13.92
CA VAL B 244 -1.66 -0.16 -13.00
C VAL B 244 -3.03 -0.15 -13.67
N GLY B 245 -3.24 0.83 -14.55
CA GLY B 245 -4.41 0.85 -15.43
C GLY B 245 -4.56 -0.42 -16.25
N ASP B 246 -3.45 -0.94 -16.77
CA ASP B 246 -3.49 -2.22 -17.52
C ASP B 246 -3.90 -3.39 -16.61
N TYR B 247 -3.29 -3.46 -15.43
CA TYR B 247 -3.66 -4.48 -14.45
C TYR B 247 -5.16 -4.39 -14.14
N TRP B 248 -5.68 -3.16 -14.10
CA TRP B 248 -7.09 -2.93 -13.76
C TRP B 248 -8.02 -2.92 -14.99
N GLY B 249 -7.49 -3.30 -16.15
CA GLY B 249 -8.34 -3.52 -17.35
C GLY B 249 -8.89 -2.25 -17.98
N CYS B 250 -8.08 -1.17 -17.97
CA CYS B 250 -8.58 0.17 -18.34
C CYS B 250 -8.41 0.55 -19.81
N PHE B 251 -7.39 -0.01 -20.47
CA PHE B 251 -6.91 0.53 -21.75
C PHE B 251 -6.97 -0.44 -22.93
N GLY B 252 -7.74 -1.53 -22.77
CA GLY B 252 -7.91 -2.52 -23.84
C GLY B 252 -6.74 -3.46 -24.09
N ARG B 253 -5.73 -3.42 -23.22
CA ARG B 253 -4.57 -4.26 -23.37
C ARG B 253 -4.71 -5.52 -22.50
N PRO B 254 -3.86 -6.53 -22.72
CA PRO B 254 -3.87 -7.69 -21.84
C PRO B 254 -3.66 -7.32 -20.38
N ARG B 255 -4.32 -8.03 -19.48
CA ARG B 255 -4.03 -7.88 -18.07
C ARG B 255 -2.70 -8.54 -17.86
N ILE B 256 -1.82 -7.91 -17.12
CA ILE B 256 -0.56 -8.60 -16.83
C ILE B 256 -0.18 -8.36 -15.38
N TYR B 257 0.92 -8.98 -14.98
CA TYR B 257 1.35 -8.84 -13.60
C TYR B 257 1.97 -7.48 -13.40
N HIS B 258 1.44 -6.73 -12.45
CA HIS B 258 2.06 -5.47 -12.05
C HIS B 258 2.54 -5.59 -10.60
N HIS B 259 1.62 -5.94 -9.71
CA HIS B 259 1.94 -6.28 -8.31
C HIS B 259 0.78 -7.15 -7.74
N THR B 260 1.00 -7.73 -6.56
CA THR B 260 -0.03 -8.56 -5.91
C THR B 260 -0.98 -7.67 -5.12
N ILE B 261 -2.20 -7.49 -5.64
CA ILE B 261 -3.20 -6.68 -4.89
C ILE B 261 -3.59 -7.42 -3.64
N SER B 262 -4.00 -6.65 -2.64
CA SER B 262 -4.38 -7.21 -1.37
C SER B 262 -5.84 -7.64 -1.46
N SER B 263 -6.08 -8.93 -1.67
CA SER B 263 -7.48 -9.28 -1.86
C SER B 263 -8.32 -8.93 -0.63
N THR B 264 -7.73 -9.02 0.57
CA THR B 264 -8.41 -8.60 1.80
C THR B 264 -8.97 -7.17 1.68
N LEU B 265 -8.11 -6.22 1.34
CA LEU B 265 -8.54 -4.83 1.18
C LEU B 265 -9.57 -4.68 0.06
N LEU B 266 -9.41 -5.45 -1.02
CA LEU B 266 -10.44 -5.45 -2.07
C LEU B 266 -11.81 -5.83 -1.51
N TYR B 267 -11.85 -6.88 -0.67
CA TYR B 267 -13.12 -7.36 -0.08
C TYR B 267 -13.80 -6.28 0.75
N GLY B 268 -13.05 -5.67 1.65
CA GLY B 268 -13.61 -4.60 2.49
C GLY B 268 -14.04 -3.37 1.68
N LEU B 269 -13.18 -2.95 0.74
CA LEU B 269 -13.50 -1.79 -0.11
C LEU B 269 -14.73 -2.09 -0.95
N ARG B 270 -14.80 -3.28 -1.53
CA ARG B 270 -15.93 -3.64 -2.39
C ARG B 270 -17.25 -3.56 -1.60
N GLU B 271 -17.28 -4.14 -0.40
CA GLU B 271 -18.50 -4.07 0.41
C GLU B 271 -18.81 -2.63 0.85
N ALA B 272 -17.77 -1.87 1.20
CA ALA B 272 -17.99 -0.49 1.62
C ALA B 272 -18.64 0.32 0.50
N ILE B 273 -18.08 0.19 -0.70
CA ILE B 273 -18.58 0.86 -1.89
C ILE B 273 -20.03 0.39 -2.21
N ALA B 274 -20.26 -0.92 -2.13
CA ALA B 274 -21.62 -1.46 -2.37
C ALA B 274 -22.65 -0.81 -1.46
N MET B 275 -22.29 -0.69 -0.18
CA MET B 275 -23.13 -0.01 0.78
C MET B 275 -23.40 1.45 0.43
N ALA B 276 -22.36 2.18 0.05
CA ALA B 276 -22.48 3.60 -0.30
C ALA B 276 -23.33 3.78 -1.56
N CYS B 277 -23.10 2.93 -2.56
CA CYS B 277 -23.90 2.97 -3.79
C CYS B 277 -25.39 2.68 -3.52
N GLU B 278 -25.65 1.74 -2.60
CA GLU B 278 -27.01 1.39 -2.23
C GLU B 278 -27.71 2.56 -1.54
N GLU B 279 -27.00 3.26 -0.65
CA GLU B 279 -27.59 4.47 -0.06
C GLU B 279 -27.81 5.57 -1.11
N GLY B 280 -26.88 5.70 -2.06
CA GLY B 280 -26.97 6.71 -3.12
C GLY B 280 -26.38 8.04 -2.68
N LEU B 281 -25.71 8.74 -3.60
CA LEU B 281 -25.05 9.99 -3.27
C LEU B 281 -25.97 11.04 -2.63
N PRO B 282 -27.17 11.30 -3.22
CA PRO B 282 -27.99 12.35 -2.61
C PRO B 282 -28.28 12.09 -1.12
N ALA B 283 -28.68 10.87 -0.77
CA ALA B 283 -28.95 10.54 0.64
C ALA B 283 -27.68 10.54 1.52
N LEU B 284 -26.60 9.96 0.98
CA LEU B 284 -25.31 9.88 1.68
C LEU B 284 -24.81 11.29 2.04
N ILE B 285 -24.76 12.17 1.04
CA ILE B 285 -24.28 13.55 1.24
C ILE B 285 -25.21 14.28 2.20
N ALA B 286 -26.52 14.13 2.00
CA ALA B 286 -27.50 14.82 2.87
C ALA B 286 -27.33 14.42 4.33
N ARG B 287 -27.10 13.13 4.57
CA ARG B 287 -26.97 12.60 5.93
C ARG B 287 -25.76 13.23 6.62
N HIS B 288 -24.63 13.31 5.91
CA HIS B 288 -23.43 13.94 6.48
C HIS B 288 -23.62 15.44 6.75
N GLU B 289 -24.23 16.14 5.79
CA GLU B 289 -24.51 17.57 5.96
C GLU B 289 -25.48 17.82 7.13
N ASP B 290 -26.51 16.96 7.22
CA ASP B 290 -27.49 17.12 8.30
C ASP B 290 -26.90 16.84 9.69
N CYS B 291 -26.05 15.82 9.76
CA CYS B 291 -25.36 15.48 11.01
C CYS B 291 -24.45 16.63 11.44
N ALA B 292 -23.73 17.22 10.47
CA ALA B 292 -22.81 18.33 10.76
C ALA B 292 -23.57 19.53 11.32
N LYS B 293 -24.74 19.80 10.73
CA LYS B 293 -25.60 20.89 11.19
C LYS B 293 -26.04 20.64 12.65
N ARG B 294 -26.39 19.40 12.96
CA ARG B 294 -26.75 19.02 14.35
C ARG B 294 -25.57 19.23 15.30
N LEU B 295 -24.37 18.84 14.86
CA LEU B 295 -23.15 19.05 15.62
C LEU B 295 -22.91 20.54 15.89
N TYR B 296 -23.03 21.38 14.86
CA TYR B 296 -22.79 22.83 15.03
C TYR B 296 -23.68 23.48 16.08
N ARG B 297 -24.94 23.06 16.09
CA ARG B 297 -25.96 23.58 16.99
C ARG B 297 -25.60 23.23 18.44
N GLY B 298 -25.25 21.98 18.68
CA GLY B 298 -24.80 21.51 19.98
C GLY B 298 -23.52 22.17 20.47
N LEU B 299 -22.53 22.28 19.58
CA LEU B 299 -21.28 22.94 19.91
C LEU B 299 -21.49 24.41 20.19
N GLN B 300 -22.28 25.07 19.36
CA GLN B 300 -22.46 26.50 19.53
C GLN B 300 -23.38 26.82 20.71
N ASP B 301 -24.35 25.94 20.99
CA ASP B 301 -25.16 26.04 22.22
C ASP B 301 -24.26 25.98 23.46
N ALA B 302 -23.28 25.07 23.44
CA ALA B 302 -22.38 24.84 24.59
C ALA B 302 -21.30 25.92 24.75
N GLY B 303 -21.26 26.86 23.82
CA GLY B 303 -20.37 28.01 23.90
C GLY B 303 -19.05 27.85 23.17
N PHE B 304 -18.92 26.78 22.38
CA PHE B 304 -17.69 26.55 21.63
C PHE B 304 -17.66 27.37 20.36
N GLU B 305 -16.46 27.73 19.92
CA GLU B 305 -16.25 28.52 18.71
C GLU B 305 -15.68 27.63 17.59
N LEU B 306 -16.33 27.63 16.44
CA LEU B 306 -15.85 26.86 15.30
C LEU B 306 -14.76 27.63 14.56
N TYR B 307 -13.79 26.87 14.04
CA TYR B 307 -12.61 27.44 13.39
C TYR B 307 -12.89 27.92 11.97
N ALA B 308 -13.62 27.15 11.18
CA ALA B 308 -13.81 27.45 9.76
C ALA B 308 -14.87 28.52 9.56
N ASP B 309 -14.67 29.39 8.57
CA ASP B 309 -15.68 30.35 8.17
C ASP B 309 -17.01 29.62 7.90
N PRO B 310 -18.13 30.13 8.47
CA PRO B 310 -19.40 29.39 8.31
C PRO B 310 -19.81 29.12 6.84
N LYS B 311 -19.23 29.83 5.89
CA LYS B 311 -19.59 29.67 4.48
C LYS B 311 -18.81 28.53 3.85
N ASP B 312 -17.78 28.08 4.57
CA ASP B 312 -16.73 27.22 4.01
C ASP B 312 -16.58 25.87 4.70
N ARG B 313 -17.55 25.49 5.52
CA ARG B 313 -17.44 24.30 6.37
C ARG B 313 -17.59 22.98 5.62
N LEU B 314 -16.73 22.04 5.98
CA LEU B 314 -16.76 20.67 5.46
C LEU B 314 -17.53 19.78 6.44
N SER B 315 -18.58 19.12 5.95
CA SER B 315 -19.48 18.35 6.83
C SER B 315 -18.74 17.31 7.66
N THR B 316 -17.74 16.67 7.04
CA THR B 316 -17.11 15.47 7.59
C THR B 316 -16.05 15.72 8.65
N VAL B 317 -15.48 16.92 8.68
CA VAL B 317 -14.47 17.24 9.71
C VAL B 317 -14.74 18.64 10.22
N THR B 318 -15.09 18.73 11.50
CA THR B 318 -15.45 20.03 12.09
C THR B 318 -14.30 20.43 13.00
N THR B 319 -13.70 21.59 12.72
CA THR B 319 -12.60 22.13 13.54
C THR B 319 -13.18 23.10 14.58
N ILE B 320 -12.82 22.87 15.83
CA ILE B 320 -13.34 23.63 16.97
C ILE B 320 -12.15 24.26 17.71
N LYS B 321 -12.16 25.57 17.87
CA LYS B 321 -11.09 26.25 18.62
C LYS B 321 -10.95 25.67 20.03
N VAL B 322 -9.72 25.38 20.43
CA VAL B 322 -9.42 24.95 21.81
C VAL B 322 -9.61 26.14 22.77
N PRO B 323 -10.57 26.03 23.71
CA PRO B 323 -10.90 27.16 24.60
C PRO B 323 -9.70 27.54 25.44
N GLN B 324 -9.55 28.84 25.70
CA GLN B 324 -8.43 29.31 26.52
C GLN B 324 -8.37 28.51 27.82
N GLY B 325 -7.19 27.99 28.14
CA GLY B 325 -7.00 27.25 29.38
C GLY B 325 -7.26 25.75 29.36
N VAL B 326 -7.69 25.21 28.22
CA VAL B 326 -7.82 23.74 28.16
C VAL B 326 -6.65 23.04 27.46
N ASP B 327 -6.18 21.96 28.09
CA ASP B 327 -5.17 21.09 27.53
C ASP B 327 -5.91 20.12 26.62
N TRP B 328 -5.75 20.28 25.31
CA TRP B 328 -6.52 19.49 24.36
C TRP B 328 -6.17 18.01 24.47
N LEU B 329 -4.88 17.71 24.67
CA LEU B 329 -4.43 16.33 24.73
C LEU B 329 -5.01 15.66 25.99
N LYS B 330 -5.07 16.40 27.10
CA LYS B 330 -5.66 15.86 28.33
C LYS B 330 -7.17 15.60 28.16
N ALA B 331 -7.85 16.50 27.43
CA ALA B 331 -9.26 16.32 27.12
C ALA B 331 -9.44 15.04 26.29
N ALA B 332 -8.63 14.90 25.24
CA ALA B 332 -8.67 13.67 24.41
C ALA B 332 -8.47 12.41 25.25
N GLN B 333 -7.50 12.45 26.16
CA GLN B 333 -7.15 11.29 26.99
C GLN B 333 -8.32 10.94 27.93
N TYR B 334 -8.92 11.95 28.54
CA TYR B 334 -10.09 11.74 29.39
C TYR B 334 -11.20 11.02 28.63
N ALA B 335 -11.47 11.47 27.40
CA ALA B 335 -12.55 10.87 26.61
C ALA B 335 -12.23 9.41 26.28
N MET B 336 -10.97 9.13 25.92
CA MET B 336 -10.58 7.77 25.53
C MET B 336 -10.62 6.81 26.71
N LYS B 337 -10.03 7.23 27.83
CA LYS B 337 -9.97 6.40 29.03
C LYS B 337 -11.37 6.14 29.58
N THR B 338 -12.23 7.15 29.61
CA THR B 338 -13.53 6.91 30.26
C THR B 338 -14.54 6.23 29.35
N TYR B 339 -14.51 6.55 28.06
CA TYR B 339 -15.55 6.08 27.13
C TYR B 339 -15.07 5.29 25.89
N LEU B 340 -13.76 5.19 25.70
CA LEU B 340 -13.26 4.62 24.45
C LEU B 340 -13.82 5.37 23.22
N VAL B 341 -14.04 6.68 23.38
CA VAL B 341 -14.27 7.55 22.23
C VAL B 341 -13.11 8.49 21.93
N GLU B 342 -12.77 8.49 20.64
CA GLU B 342 -11.71 9.30 20.11
C GLU B 342 -12.16 10.71 19.78
N ILE B 343 -11.48 11.68 20.38
CA ILE B 343 -11.61 13.04 19.88
C ILE B 343 -10.18 13.50 19.54
N SER B 344 -10.03 14.24 18.46
CA SER B 344 -8.71 14.52 17.94
C SER B 344 -8.29 15.97 18.09
N GLY B 345 -6.98 16.19 18.05
CA GLY B 345 -6.43 17.54 17.96
C GLY B 345 -6.35 17.96 16.49
N GLY B 346 -5.52 18.97 16.25
CA GLY B 346 -5.37 19.55 14.91
C GLY B 346 -4.31 18.87 14.04
N LEU B 347 -3.96 19.54 12.94
CA LEU B 347 -3.04 18.97 11.97
C LEU B 347 -2.35 20.11 11.22
N GLY B 348 -1.03 20.05 11.06
CA GLY B 348 -0.34 21.06 10.25
C GLY B 348 -0.53 22.46 10.83
N PRO B 349 -1.10 23.40 10.04
CA PRO B 349 -1.27 24.78 10.57
C PRO B 349 -2.17 24.88 11.82
N THR B 350 -3.04 23.89 12.03
CA THR B 350 -3.94 23.94 13.19
C THR B 350 -3.46 23.06 14.35
N ALA B 351 -2.25 22.52 14.24
CA ALA B 351 -1.71 21.69 15.35
C ALA B 351 -1.73 22.48 16.66
N GLY B 352 -2.36 21.89 17.69
CA GLY B 352 -2.45 22.53 19.00
C GLY B 352 -3.47 23.64 19.13
N GLN B 353 -4.15 23.99 18.04
CA GLN B 353 -5.08 25.13 18.00
C GLN B 353 -6.54 24.68 18.01
N VAL B 354 -6.79 23.44 17.56
CA VAL B 354 -8.17 22.97 17.40
C VAL B 354 -8.37 21.56 17.89
N PHE B 355 -9.63 21.22 18.13
CA PHE B 355 -10.07 19.83 18.14
C PHE B 355 -10.68 19.62 16.76
N ARG B 356 -10.69 18.35 16.32
CA ARG B 356 -11.37 17.94 15.10
C ARG B 356 -12.30 16.76 15.40
N ILE B 357 -13.59 16.97 15.14
CA ILE B 357 -14.58 15.91 15.22
C ILE B 357 -14.97 15.51 13.81
N GLY B 358 -14.77 14.24 13.54
CA GLY B 358 -15.17 13.63 12.26
C GLY B 358 -16.55 13.01 12.36
N LEU B 359 -17.35 13.28 11.32
CA LEU B 359 -18.66 12.66 11.15
C LEU B 359 -18.63 11.97 9.78
N MET B 360 -18.34 10.67 9.82
CA MET B 360 -18.06 9.92 8.61
C MET B 360 -18.69 8.53 8.66
N GLY B 361 -19.44 8.21 7.61
CA GLY B 361 -19.93 6.85 7.38
C GLY B 361 -20.82 6.34 8.52
N GLN B 362 -20.37 5.27 9.15
CA GLN B 362 -21.11 4.66 10.28
C GLN B 362 -21.32 5.67 11.42
N ASN B 363 -20.45 6.67 11.50
CA ASN B 363 -20.49 7.66 12.59
C ASN B 363 -21.33 8.90 12.30
N ALA B 364 -21.80 9.05 11.06
CA ALA B 364 -22.66 10.18 10.69
C ALA B 364 -24.10 9.77 10.96
N THR B 365 -24.43 9.63 12.25
CA THR B 365 -25.82 9.37 12.67
C THR B 365 -26.18 10.32 13.81
N THR B 366 -27.47 10.54 14.00
CA THR B 366 -27.94 11.42 15.06
C THR B 366 -27.47 10.90 16.44
N GLU B 367 -27.50 9.58 16.61
CA GLU B 367 -27.07 8.95 17.85
C GLU B 367 -25.59 9.20 18.13
N ARG B 368 -24.76 9.10 17.09
CA ARG B 368 -23.33 9.31 17.29
C ARG B 368 -22.92 10.77 17.38
N VAL B 369 -23.64 11.65 16.67
CA VAL B 369 -23.48 13.09 16.90
C VAL B 369 -23.76 13.40 18.38
N ASP B 370 -24.87 12.88 18.90
CA ASP B 370 -25.23 13.18 20.29
C ASP B 370 -24.21 12.63 21.29
N ARG B 371 -23.72 11.43 21.04
CA ARG B 371 -22.69 10.80 21.86
C ARG B 371 -21.40 11.64 21.88
N VAL B 372 -20.90 12.01 20.69
CA VAL B 372 -19.68 12.82 20.65
C VAL B 372 -19.85 14.20 21.29
N LEU B 373 -21.02 14.82 21.11
CA LEU B 373 -21.36 16.08 21.81
C LEU B 373 -21.28 15.93 23.32
N GLN B 374 -21.91 14.89 23.84
CA GLN B 374 -21.89 14.55 25.27
C GLN B 374 -20.44 14.37 25.77
N VAL B 375 -19.72 13.40 25.21
CA VAL B 375 -18.38 13.13 25.72
C VAL B 375 -17.38 14.27 25.50
N PHE B 376 -17.47 14.96 24.37
CA PHE B 376 -16.59 16.14 24.14
C PHE B 376 -16.81 17.21 25.21
N GLN B 377 -18.08 17.51 25.48
CA GLN B 377 -18.41 18.50 26.49
C GLN B 377 -17.89 18.08 27.87
N GLU B 378 -18.06 16.81 28.19
CA GLU B 378 -17.61 16.25 29.48
C GLU B 378 -16.10 16.31 29.62
N ALA B 379 -15.39 15.94 28.55
CA ALA B 379 -13.92 15.91 28.56
C ALA B 379 -13.31 17.27 28.72
N VAL B 380 -13.87 18.25 28.02
CA VAL B 380 -13.37 19.63 28.10
C VAL B 380 -13.65 20.19 29.50
N ALA B 381 -14.86 19.99 30.01
CA ALA B 381 -15.21 20.43 31.38
C ALA B 381 -14.29 19.76 32.41
N ALA B 382 -14.01 18.47 32.24
CA ALA B 382 -13.16 17.71 33.16
C ALA B 382 -11.77 18.32 33.34
N VAL B 383 -11.20 18.86 32.26
CA VAL B 383 -9.84 19.38 32.29
C VAL B 383 -9.81 20.88 32.55
N LYS B 384 -8.63 21.40 32.90
CA LYS B 384 -8.54 22.55 33.83
C LYS B 384 -9.77 23.49 33.90
N PRO B 385 -10.73 23.17 34.80
CA PRO B 385 -11.91 24.00 35.02
C PRO B 385 -11.58 25.30 35.78
#